data_1GZF
#
_entry.id   1GZF
#
_cell.length_a   103.947
_cell.length_b   74.191
_cell.length_c   119.680
_cell.angle_alpha   90.00
_cell.angle_beta   102.10
_cell.angle_gamma   90.00
#
_symmetry.space_group_name_H-M   'C 1 2 1'
#
loop_
_entity.id
_entity.type
_entity.pdbx_description
1 polymer 'MONO-ADP-RIBOSYLTRANSFERASE C3'
2 non-polymer NICOTINAMIDE-ADENINE-DINUCLEOTIDE
3 non-polymer 'SULFATE ION'
4 non-polymer 3-(AMINOCARBONYL)-1-[(3R,4S,5R)-3,4-DIHYDROXY-5-METHYLTETRAHYDRO-2-FURANYL]PYRIDINIUM
5 non-polymer "ADENOSINE-5'-DIPHOSPHATE"
6 water water
#
_entity_poly.entity_id   1
_entity_poly.type   'polypeptide(L)'
_entity_poly.pdbx_seq_one_letter_code
;AYSNTYQEFTNIDQAKAWGNAQYKKYGLSKSEKEAIVSYTKSASEINGKLRQNKGVINGFPSNLIKQVELLDKSFNKMKT
PENIMLFRGDDPAYLGTEFQNTLLNSNGTINKTAFEKAKAKFLNKDRLEYGYISTSLMNVSQFAGRPIITKFKVAKGSKA
GYIDPISAFAGQLEMLLPRHSTYHIDDMRLSSDGKQIIITATMMGTAINPK
;
_entity_poly.pdbx_strand_id   A,B,C,D
#
loop_
_chem_comp.id
_chem_comp.type
_chem_comp.name
_chem_comp.formula
ADP non-polymer ADENOSINE-5'-DIPHOSPHATE 'C10 H15 N5 O10 P2'
NAD non-polymer NICOTINAMIDE-ADENINE-DINUCLEOTIDE 'C21 H27 N7 O14 P2'
NIR non-polymer 3-(AMINOCARBONYL)-1-[(3R,4S,5R)-3,4-DIHYDROXY-5-METHYLTETRAHYDRO-2-FURANYL]PYRIDINIUM 'C11 H18 N2 O4'
SO4 non-polymer 'SULFATE ION' 'O4 S -2'
#
# COMPACT_ATOMS: atom_id res chain seq x y z
N THR A 5 -23.88 11.73 19.01
CA THR A 5 -23.98 10.48 18.20
C THR A 5 -24.26 10.77 16.73
N TYR A 6 -23.28 10.43 15.89
CA TYR A 6 -23.40 10.64 14.46
C TYR A 6 -23.32 9.31 13.72
N GLN A 7 -24.19 9.14 12.74
CA GLN A 7 -24.22 7.92 11.95
C GLN A 7 -22.92 7.79 11.16
N GLU A 8 -22.30 6.62 11.27
CA GLU A 8 -21.07 6.34 10.53
C GLU A 8 -21.28 5.07 9.72
N PHE A 9 -21.30 5.22 8.40
CA PHE A 9 -21.49 4.08 7.52
C PHE A 9 -20.23 3.21 7.48
N THR A 10 -20.41 1.90 7.57
CA THR A 10 -19.29 0.99 7.55
C THR A 10 -19.40 0.01 6.39
N ASN A 11 -20.42 0.19 5.56
CA ASN A 11 -20.63 -0.69 4.42
C ASN A 11 -21.07 0.07 3.18
N ILE A 12 -20.29 -0.03 2.12
CA ILE A 12 -20.58 0.66 0.87
C ILE A 12 -22.01 0.48 0.38
N ASP A 13 -22.50 -0.75 0.40
CA ASP A 13 -23.86 -1.02 -0.05
C ASP A 13 -24.91 -0.26 0.75
N GLN A 14 -24.76 -0.23 2.07
CA GLN A 14 -25.72 0.50 2.89
C GLN A 14 -25.59 2.00 2.68
N ALA A 15 -24.35 2.48 2.55
CA ALA A 15 -24.12 3.89 2.32
C ALA A 15 -24.83 4.31 1.05
N LYS A 16 -24.65 3.53 -0.01
CA LYS A 16 -25.28 3.81 -1.29
C LYS A 16 -26.80 3.84 -1.17
N ALA A 17 -27.35 2.86 -0.47
CA ALA A 17 -28.80 2.76 -0.29
C ALA A 17 -29.36 3.99 0.39
N TRP A 18 -28.69 4.43 1.45
CA TRP A 18 -29.13 5.61 2.18
C TRP A 18 -28.99 6.82 1.27
N GLY A 19 -27.84 6.91 0.61
CA GLY A 19 -27.59 8.02 -0.29
C GLY A 19 -28.61 8.10 -1.41
N ASN A 20 -28.89 6.98 -2.04
CA ASN A 20 -29.85 6.92 -3.14
C ASN A 20 -31.22 7.43 -2.68
N ALA A 21 -31.62 7.01 -1.48
CA ALA A 21 -32.90 7.43 -0.93
C ALA A 21 -32.97 8.94 -0.78
N GLN A 22 -31.87 9.53 -0.32
CA GLN A 22 -31.85 10.98 -0.13
C GLN A 22 -31.94 11.69 -1.47
N TYR A 23 -31.17 11.23 -2.45
CA TYR A 23 -31.17 11.84 -3.77
C TYR A 23 -32.55 11.87 -4.39
N LYS A 24 -33.29 10.77 -4.26
CA LYS A 24 -34.62 10.67 -4.83
C LYS A 24 -35.57 11.77 -4.34
N LYS A 25 -35.30 12.31 -3.16
CA LYS A 25 -36.16 13.34 -2.59
C LYS A 25 -35.79 14.80 -2.87
N TYR A 26 -34.59 15.02 -3.39
CA TYR A 26 -34.12 16.38 -3.65
C TYR A 26 -34.97 17.19 -4.62
N GLY A 27 -35.36 16.59 -5.74
CA GLY A 27 -36.15 17.29 -6.72
C GLY A 27 -35.34 18.42 -7.34
N LEU A 28 -34.07 18.15 -7.63
CA LEU A 28 -33.19 19.13 -8.24
C LEU A 28 -33.66 19.50 -9.64
N SER A 29 -33.53 20.77 -10.00
CA SER A 29 -33.94 21.22 -11.33
C SER A 29 -32.91 20.73 -12.35
N LYS A 30 -33.26 20.82 -13.62
CA LYS A 30 -32.36 20.40 -14.67
C LYS A 30 -31.05 21.21 -14.58
N SER A 31 -31.19 22.52 -14.37
CA SER A 31 -30.02 23.41 -14.27
C SER A 31 -29.11 23.05 -13.10
N GLU A 32 -29.70 22.76 -11.95
CA GLU A 32 -28.93 22.43 -10.77
C GLU A 32 -28.16 21.13 -10.96
N LYS A 33 -28.81 20.13 -11.53
CA LYS A 33 -28.16 18.85 -11.80
C LYS A 33 -26.98 19.11 -12.71
N GLU A 34 -27.21 19.90 -13.75
CA GLU A 34 -26.16 20.24 -14.69
C GLU A 34 -24.96 20.92 -14.02
N ALA A 35 -25.22 21.79 -13.07
CA ALA A 35 -24.14 22.49 -12.36
C ALA A 35 -23.37 21.53 -11.45
N ILE A 36 -24.07 20.57 -10.87
CA ILE A 36 -23.48 19.59 -9.97
C ILE A 36 -22.58 18.62 -10.74
N VAL A 37 -23.07 18.11 -11.88
CA VAL A 37 -22.25 17.20 -12.70
C VAL A 37 -20.96 17.94 -13.04
N SER A 38 -21.11 19.18 -13.49
CA SER A 38 -19.96 20.01 -13.88
C SER A 38 -18.99 20.21 -12.69
N TYR A 39 -19.53 20.43 -11.50
CA TYR A 39 -18.71 20.61 -10.28
C TYR A 39 -17.85 19.38 -9.94
N THR A 40 -18.35 18.20 -10.22
CA THR A 40 -17.58 16.97 -9.96
C THR A 40 -16.43 16.85 -10.98
N LYS A 41 -16.60 17.51 -12.14
CA LYS A 41 -15.56 17.49 -13.16
C LYS A 41 -14.56 18.63 -13.01
N SER A 42 -14.92 19.68 -12.29
CA SER A 42 -14.02 20.83 -12.14
C SER A 42 -13.91 21.38 -10.74
N ALA A 43 -14.18 20.53 -9.76
CA ALA A 43 -14.13 20.94 -8.36
C ALA A 43 -12.88 21.69 -7.95
N SER A 44 -11.71 21.12 -8.23
CA SER A 44 -10.45 21.76 -7.84
C SER A 44 -10.33 23.19 -8.38
N GLU A 45 -10.68 23.37 -9.66
CA GLU A 45 -10.64 24.68 -10.30
C GLU A 45 -11.61 25.65 -9.62
N ILE A 46 -12.86 25.22 -9.46
CA ILE A 46 -13.88 26.05 -8.81
C ILE A 46 -13.50 26.43 -7.38
N ASN A 47 -13.18 25.43 -6.56
CA ASN A 47 -12.81 25.70 -5.19
C ASN A 47 -11.56 26.56 -5.11
N GLY A 48 -10.65 26.37 -6.07
CA GLY A 48 -9.42 27.13 -6.09
C GLY A 48 -9.69 28.62 -6.28
N LYS A 49 -10.52 28.95 -7.26
CA LYS A 49 -10.87 30.34 -7.53
C LYS A 49 -11.65 30.94 -6.37
N LEU A 50 -12.47 30.12 -5.70
CA LEU A 50 -13.22 30.60 -4.55
C LEU A 50 -12.27 30.97 -3.41
N ARG A 51 -11.27 30.13 -3.18
CA ARG A 51 -10.31 30.41 -2.11
C ARG A 51 -9.44 31.61 -2.50
N GLN A 52 -9.08 31.66 -3.77
CA GLN A 52 -8.24 32.73 -4.32
C GLN A 52 -8.90 34.11 -4.22
N ASN A 53 -10.23 34.13 -4.22
CA ASN A 53 -10.98 35.38 -4.13
C ASN A 53 -11.79 35.49 -2.85
N LYS A 54 -11.53 34.58 -1.93
CA LYS A 54 -12.23 34.56 -0.65
C LYS A 54 -13.74 34.58 -0.79
N GLY A 55 -14.25 33.78 -1.72
CA GLY A 55 -15.69 33.71 -1.91
C GLY A 55 -16.33 34.73 -2.83
N VAL A 56 -15.57 35.73 -3.27
CA VAL A 56 -16.12 36.76 -4.14
C VAL A 56 -16.17 36.29 -5.59
N ILE A 57 -17.36 36.09 -6.13
CA ILE A 57 -17.49 35.59 -7.50
C ILE A 57 -17.74 36.63 -8.59
N ASN A 58 -17.88 37.89 -8.19
CA ASN A 58 -18.14 38.97 -9.14
C ASN A 58 -17.22 38.97 -10.36
N GLY A 59 -15.95 38.63 -10.14
CA GLY A 59 -14.99 38.61 -11.22
C GLY A 59 -14.90 37.32 -12.02
N PHE A 60 -15.66 36.30 -11.63
CA PHE A 60 -15.64 35.02 -12.33
C PHE A 60 -16.32 35.17 -13.68
N PRO A 61 -16.07 34.23 -14.62
CA PRO A 61 -16.73 34.34 -15.92
C PRO A 61 -18.23 34.11 -15.69
N SER A 62 -19.06 34.66 -16.56
CA SER A 62 -20.52 34.55 -16.44
C SER A 62 -21.04 33.15 -16.14
N ASN A 63 -20.58 32.15 -16.88
CA ASN A 63 -21.04 30.79 -16.66
C ASN A 63 -20.70 30.27 -15.28
N LEU A 64 -19.51 30.58 -14.81
CA LEU A 64 -19.09 30.13 -13.49
C LEU A 64 -19.95 30.79 -12.41
N ILE A 65 -20.26 32.07 -12.59
CA ILE A 65 -21.09 32.76 -11.61
C ILE A 65 -22.43 32.01 -11.58
N LYS A 66 -22.94 31.71 -12.76
CA LYS A 66 -24.21 30.99 -12.90
C LYS A 66 -24.16 29.63 -12.21
N GLN A 67 -23.07 28.90 -12.42
CA GLN A 67 -22.92 27.58 -11.81
C GLN A 67 -22.81 27.64 -10.29
N VAL A 68 -22.02 28.59 -9.77
CA VAL A 68 -21.87 28.71 -8.32
C VAL A 68 -23.20 29.02 -7.65
N GLU A 69 -23.96 29.92 -8.27
CA GLU A 69 -25.26 30.28 -7.73
C GLU A 69 -26.20 29.08 -7.77
N LEU A 70 -26.14 28.32 -8.85
CA LEU A 70 -26.97 27.13 -8.98
C LEU A 70 -26.58 26.09 -7.94
N LEU A 71 -25.27 25.95 -7.70
CA LEU A 71 -24.80 24.99 -6.68
C LEU A 71 -25.28 25.44 -5.30
N ASP A 72 -25.13 26.73 -5.00
CA ASP A 72 -25.56 27.26 -3.71
C ASP A 72 -27.06 27.07 -3.52
N LYS A 73 -27.82 27.35 -4.57
CA LYS A 73 -29.27 27.22 -4.49
C LYS A 73 -29.69 25.78 -4.28
N SER A 74 -28.95 24.85 -4.88
CA SER A 74 -29.25 23.43 -4.76
C SER A 74 -29.38 23.01 -3.31
N PHE A 75 -28.62 23.65 -2.43
CA PHE A 75 -28.66 23.30 -1.02
C PHE A 75 -29.96 23.63 -0.30
N ASN A 76 -30.86 24.34 -0.99
CA ASN A 76 -32.16 24.68 -0.41
C ASN A 76 -32.95 23.37 -0.36
N LYS A 77 -32.56 22.44 -1.22
CA LYS A 77 -33.22 21.14 -1.33
C LYS A 77 -32.44 20.00 -0.71
N MET A 78 -31.17 20.22 -0.39
CA MET A 78 -30.35 19.13 0.14
C MET A 78 -29.87 19.31 1.58
N LYS A 79 -30.48 18.55 2.50
CA LYS A 79 -30.09 18.60 3.92
C LYS A 79 -30.00 17.16 4.40
N THR A 80 -29.11 16.88 5.33
CA THR A 80 -29.01 15.52 5.87
C THR A 80 -30.12 15.36 6.91
N PRO A 81 -30.86 14.25 6.83
CA PRO A 81 -31.95 14.04 7.80
C PRO A 81 -31.48 13.56 9.17
N GLU A 82 -30.18 13.40 9.34
CA GLU A 82 -29.64 12.92 10.61
C GLU A 82 -28.20 13.37 10.84
N ASN A 83 -27.72 13.27 12.08
CA ASN A 83 -26.33 13.61 12.36
C ASN A 83 -25.55 12.56 11.60
N ILE A 84 -24.59 12.97 10.80
CA ILE A 84 -23.83 11.99 10.02
C ILE A 84 -22.34 12.30 10.02
N MET A 85 -21.52 11.26 9.91
CA MET A 85 -20.07 11.42 9.87
C MET A 85 -19.64 11.30 8.42
N LEU A 86 -18.95 12.32 7.92
CA LEU A 86 -18.49 12.32 6.54
C LEU A 86 -16.97 12.30 6.49
N PHE A 87 -16.42 11.79 5.38
CA PHE A 87 -14.98 11.66 5.26
C PHE A 87 -14.36 12.37 4.07
N ARG A 88 -13.08 12.67 4.20
CA ARG A 88 -12.38 13.34 3.13
C ARG A 88 -10.88 13.10 3.26
N GLY A 89 -10.21 13.00 2.13
CA GLY A 89 -8.76 12.82 2.11
C GLY A 89 -8.18 14.12 1.56
N ASP A 90 -7.10 14.61 2.16
CA ASP A 90 -6.48 15.85 1.72
C ASP A 90 -4.98 15.69 1.55
N ASP A 91 -4.40 16.51 0.66
CA ASP A 91 -2.96 16.47 0.42
C ASP A 91 -2.34 17.51 1.35
N PRO A 92 -1.02 17.43 1.59
CA PRO A 92 -0.32 18.37 2.47
C PRO A 92 -0.64 19.87 2.38
N ALA A 93 -0.88 20.37 1.17
CA ALA A 93 -1.16 21.80 0.99
C ALA A 93 -2.44 22.24 1.72
N TYR A 94 -3.25 21.26 2.11
CA TYR A 94 -4.47 21.55 2.84
C TYR A 94 -4.13 22.23 4.16
N LEU A 95 -2.98 21.89 4.73
CA LEU A 95 -2.56 22.45 6.00
C LEU A 95 -1.89 23.82 5.84
N GLY A 96 -1.53 24.16 4.62
CA GLY A 96 -0.87 25.43 4.37
C GLY A 96 0.33 25.24 3.49
N THR A 97 0.79 26.34 2.88
CA THR A 97 1.95 26.29 2.01
C THR A 97 3.19 25.69 2.66
N GLU A 98 3.39 26.03 3.93
CA GLU A 98 4.57 25.54 4.66
C GLU A 98 4.64 24.01 4.83
N PHE A 99 3.52 23.33 4.60
CA PHE A 99 3.49 21.87 4.75
C PHE A 99 3.61 21.12 3.44
N GLN A 100 3.48 21.82 2.32
CA GLN A 100 3.56 21.20 1.01
C GLN A 100 4.75 20.26 0.81
N ASN A 101 5.94 20.69 1.23
CA ASN A 101 7.15 19.89 1.06
C ASN A 101 7.82 19.49 2.38
N THR A 102 7.06 19.48 3.48
CA THR A 102 7.62 19.13 4.79
C THR A 102 6.81 18.12 5.60
N LEU A 103 5.53 17.97 5.29
CA LEU A 103 4.69 17.05 6.06
C LEU A 103 5.13 15.60 5.98
N LEU A 104 5.53 15.16 4.79
CA LEU A 104 5.96 13.77 4.61
C LEU A 104 7.46 13.55 4.55
N ASN A 105 7.89 12.42 5.10
CA ASN A 105 9.30 12.04 5.09
C ASN A 105 9.53 11.39 3.72
N SER A 106 10.65 10.69 3.56
CA SER A 106 10.98 10.06 2.28
C SER A 106 10.23 8.76 1.94
N ASN A 107 9.58 8.13 2.92
CA ASN A 107 8.86 6.88 2.70
C ASN A 107 7.35 6.92 2.94
N GLY A 108 6.77 8.11 2.91
CA GLY A 108 5.34 8.22 3.15
C GLY A 108 5.04 8.30 4.64
N THR A 109 6.09 8.53 5.43
CA THR A 109 5.95 8.64 6.90
C THR A 109 5.84 10.10 7.33
N ILE A 110 4.79 10.40 8.07
CA ILE A 110 4.54 11.77 8.53
C ILE A 110 5.69 12.28 9.37
N ASN A 111 6.19 13.44 9.01
CA ASN A 111 7.27 14.07 9.76
C ASN A 111 6.68 14.59 11.06
N LYS A 112 7.12 14.03 12.19
CA LYS A 112 6.55 14.42 13.48
C LYS A 112 6.63 15.89 13.85
N THR A 113 7.72 16.56 13.51
CA THR A 113 7.82 17.97 13.82
C THR A 113 6.74 18.72 13.05
N ALA A 114 6.56 18.35 11.79
CA ALA A 114 5.52 19.00 10.97
C ALA A 114 4.16 18.74 11.61
N PHE A 115 3.94 17.51 12.07
CA PHE A 115 2.68 17.15 12.71
C PHE A 115 2.40 18.10 13.87
N GLU A 116 3.43 18.33 14.70
CA GLU A 116 3.29 19.22 15.84
C GLU A 116 2.96 20.63 15.38
N LYS A 117 3.62 21.09 14.31
CA LYS A 117 3.35 22.41 13.77
C LYS A 117 1.88 22.51 13.37
N ALA A 118 1.42 21.54 12.58
CA ALA A 118 0.04 21.48 12.10
C ALA A 118 -0.93 21.48 13.27
N LYS A 119 -0.60 20.70 14.30
CA LYS A 119 -1.42 20.59 15.49
C LYS A 119 -1.55 21.94 16.18
N ALA A 120 -0.41 22.60 16.41
CA ALA A 120 -0.39 23.91 17.05
C ALA A 120 -1.24 24.91 16.26
N LYS A 121 -1.12 24.84 14.94
CA LYS A 121 -1.82 25.73 14.02
C LYS A 121 -3.32 25.50 13.87
N PHE A 122 -3.77 24.25 13.99
CA PHE A 122 -5.19 23.95 13.79
C PHE A 122 -5.95 23.32 14.95
N LEU A 123 -5.26 22.60 15.82
CA LEU A 123 -5.95 21.94 16.93
C LEU A 123 -6.80 22.87 17.79
N ASN A 124 -8.06 22.47 17.97
CA ASN A 124 -9.02 23.22 18.75
C ASN A 124 -9.28 24.63 18.23
N LYS A 125 -9.24 24.77 16.91
CA LYS A 125 -9.49 26.07 16.31
C LYS A 125 -10.58 25.93 15.26
N ASP A 126 -11.14 27.06 14.86
CA ASP A 126 -12.18 27.08 13.84
C ASP A 126 -11.52 27.28 12.50
N ARG A 127 -12.08 26.67 11.47
CA ARG A 127 -11.53 26.85 10.15
C ARG A 127 -12.65 27.17 9.18
N LEU A 128 -12.44 28.21 8.39
CA LEU A 128 -13.41 28.64 7.39
C LEU A 128 -12.92 28.21 6.01
N GLU A 129 -13.80 27.52 5.27
CA GLU A 129 -13.46 27.07 3.94
C GLU A 129 -14.28 27.78 2.88
N TYR A 130 -13.59 28.47 1.97
CA TYR A 130 -14.24 29.22 0.89
C TYR A 130 -14.81 28.35 -0.23
N GLY A 131 -14.14 27.26 -0.55
CA GLY A 131 -14.65 26.40 -1.61
C GLY A 131 -15.73 25.48 -1.06
N TYR A 132 -16.32 24.68 -1.93
CA TYR A 132 -17.32 23.71 -1.50
C TYR A 132 -16.49 22.62 -0.86
N ILE A 133 -17.11 21.77 -0.04
CA ILE A 133 -16.37 20.70 0.59
C ILE A 133 -16.88 19.35 0.13
N SER A 134 -16.09 18.70 -0.72
CA SER A 134 -16.44 17.37 -1.22
C SER A 134 -16.07 16.36 -0.15
N THR A 135 -17.02 15.51 0.21
CA THR A 135 -16.76 14.49 1.23
C THR A 135 -17.38 13.18 0.78
N SER A 136 -17.15 12.11 1.52
CA SER A 136 -17.71 10.81 1.17
C SER A 136 -18.38 10.20 2.38
N LEU A 137 -19.38 9.34 2.14
CA LEU A 137 -20.09 8.69 3.25
C LEU A 137 -19.17 7.73 3.99
N MET A 138 -18.12 7.31 3.31
CA MET A 138 -17.13 6.41 3.90
C MET A 138 -15.76 6.89 3.44
N ASN A 139 -14.72 6.36 4.04
CA ASN A 139 -13.35 6.71 3.68
C ASN A 139 -13.04 5.84 2.45
N VAL A 140 -13.58 6.24 1.31
CA VAL A 140 -13.41 5.48 0.07
C VAL A 140 -11.97 5.36 -0.38
N SER A 141 -11.65 4.17 -0.89
CA SER A 141 -10.32 3.84 -1.36
C SER A 141 -9.61 4.90 -2.19
N GLN A 142 -10.34 5.62 -3.05
CA GLN A 142 -9.67 6.61 -3.88
C GLN A 142 -8.95 7.73 -3.12
N PHE A 143 -9.51 8.18 -2.01
CA PHE A 143 -8.89 9.26 -1.24
C PHE A 143 -8.37 8.82 0.12
N ALA A 144 -8.68 7.58 0.50
CA ALA A 144 -8.29 7.05 1.80
C ALA A 144 -6.79 6.96 2.03
N GLY A 145 -6.02 7.00 0.96
CA GLY A 145 -4.57 6.93 1.07
C GLY A 145 -3.89 8.27 1.17
N ARG A 146 -4.66 9.36 1.16
CA ARG A 146 -4.05 10.67 1.30
C ARG A 146 -3.45 10.80 2.71
N PRO A 147 -2.44 11.65 2.89
CA PRO A 147 -1.78 11.85 4.18
C PRO A 147 -2.63 12.47 5.29
N ILE A 148 -3.73 13.11 4.92
CA ILE A 148 -4.59 13.74 5.89
C ILE A 148 -6.02 13.24 5.71
N ILE A 149 -6.55 12.58 6.73
CA ILE A 149 -7.91 12.07 6.67
C ILE A 149 -8.74 12.84 7.68
N THR A 150 -9.84 13.41 7.22
CA THR A 150 -10.70 14.15 8.10
C THR A 150 -12.06 13.47 8.24
N LYS A 151 -12.56 13.47 9.47
CA LYS A 151 -13.84 12.89 9.80
C LYS A 151 -14.69 14.06 10.28
N PHE A 152 -15.66 14.44 9.45
CA PHE A 152 -16.55 15.55 9.74
C PHE A 152 -17.82 15.09 10.45
N LYS A 153 -18.17 15.75 11.56
CA LYS A 153 -19.39 15.43 12.28
C LYS A 153 -20.41 16.47 11.83
N VAL A 154 -21.35 16.05 10.98
CA VAL A 154 -22.36 16.95 10.45
C VAL A 154 -23.73 16.77 11.11
N ALA A 155 -24.25 17.86 11.66
CA ALA A 155 -25.52 17.85 12.36
C ALA A 155 -26.77 17.69 11.50
N LYS A 156 -27.77 17.00 12.04
CA LYS A 156 -29.03 16.80 11.35
C LYS A 156 -29.59 18.16 10.92
N GLY A 157 -30.15 18.21 9.72
CA GLY A 157 -30.72 19.44 9.21
C GLY A 157 -29.74 20.32 8.45
N SER A 158 -28.45 20.00 8.52
CA SER A 158 -27.43 20.79 7.83
C SER A 158 -27.45 20.58 6.32
N LYS A 159 -27.04 21.61 5.60
CA LYS A 159 -26.97 21.52 4.15
C LYS A 159 -25.92 20.46 3.83
N ALA A 160 -26.34 19.47 3.06
CA ALA A 160 -25.46 18.36 2.66
C ALA A 160 -26.23 17.58 1.61
N GLY A 161 -25.60 17.30 0.48
CA GLY A 161 -26.28 16.58 -0.57
C GLY A 161 -25.54 15.39 -1.13
N TYR A 162 -26.23 14.27 -1.25
CA TYR A 162 -25.63 13.06 -1.81
C TYR A 162 -25.74 13.23 -3.32
N ILE A 163 -24.63 13.56 -3.95
CA ILE A 163 -24.62 13.81 -5.39
C ILE A 163 -24.03 12.68 -6.21
N ASP A 164 -23.60 11.63 -5.52
CA ASP A 164 -23.03 10.46 -6.17
C ASP A 164 -23.78 10.02 -7.44
N PRO A 165 -25.12 9.96 -7.39
CA PRO A 165 -25.93 9.54 -8.55
C PRO A 165 -25.68 10.29 -9.85
N ILE A 166 -25.29 11.55 -9.76
CA ILE A 166 -25.05 12.29 -10.99
C ILE A 166 -23.59 12.72 -11.16
N SER A 167 -22.73 12.25 -10.26
CA SER A 167 -21.32 12.59 -10.35
C SER A 167 -20.72 11.96 -11.59
N ALA A 168 -19.74 12.65 -12.18
CA ALA A 168 -19.07 12.14 -13.37
C ALA A 168 -18.11 11.01 -13.00
N PHE A 169 -17.82 10.83 -11.72
CA PHE A 169 -16.90 9.77 -11.29
C PHE A 169 -17.56 8.73 -10.39
N ALA A 170 -17.06 7.49 -10.48
CA ALA A 170 -17.61 6.38 -9.70
C ALA A 170 -16.84 6.08 -8.42
N GLY A 171 -17.52 5.39 -7.51
CA GLY A 171 -16.93 4.97 -6.24
C GLY A 171 -16.62 5.99 -5.16
N GLN A 172 -17.09 7.21 -5.32
CA GLN A 172 -16.78 8.25 -4.33
C GLN A 172 -17.86 8.51 -3.26
N LEU A 173 -19.05 7.93 -3.40
CA LEU A 173 -20.14 8.12 -2.42
C LEU A 173 -20.14 9.58 -1.94
N GLU A 174 -19.99 10.51 -2.87
CA GLU A 174 -19.91 11.91 -2.50
C GLU A 174 -21.10 12.58 -1.87
N MET A 175 -20.81 13.24 -0.76
CA MET A 175 -21.78 14.05 -0.02
C MET A 175 -21.14 15.43 -0.13
N LEU A 176 -21.80 16.35 -0.83
CA LEU A 176 -21.26 17.70 -0.98
C LEU A 176 -21.77 18.64 0.11
N LEU A 177 -20.87 19.48 0.61
CA LEU A 177 -21.22 20.48 1.63
C LEU A 177 -21.07 21.86 0.97
N PRO A 178 -21.87 22.85 1.41
CA PRO A 178 -21.81 24.19 0.84
C PRO A 178 -20.51 24.94 1.07
N ARG A 179 -20.24 25.93 0.21
CA ARG A 179 -19.04 26.73 0.32
C ARG A 179 -19.21 27.66 1.50
N HIS A 180 -18.11 28.26 1.94
CA HIS A 180 -18.11 29.18 3.07
C HIS A 180 -18.60 28.48 4.33
N SER A 181 -18.22 27.23 4.50
CA SER A 181 -18.61 26.50 5.69
C SER A 181 -17.48 26.60 6.69
N THR A 182 -17.83 26.61 7.98
CA THR A 182 -16.86 26.69 9.05
C THR A 182 -16.96 25.45 9.92
N TYR A 183 -15.82 24.88 10.27
CA TYR A 183 -15.81 23.72 11.12
C TYR A 183 -14.74 23.89 12.20
N HIS A 184 -14.89 23.13 13.28
CA HIS A 184 -13.96 23.20 14.39
C HIS A 184 -13.15 21.91 14.51
N ILE A 185 -11.83 22.04 14.46
CA ILE A 185 -10.98 20.87 14.60
C ILE A 185 -10.94 20.46 16.06
N ASP A 186 -11.55 19.32 16.37
CA ASP A 186 -11.63 18.79 17.72
C ASP A 186 -10.48 17.88 18.11
N ASP A 187 -9.96 17.15 17.13
CA ASP A 187 -8.88 16.20 17.39
C ASP A 187 -7.93 16.06 16.22
N MET A 188 -6.66 15.83 16.53
CA MET A 188 -5.63 15.65 15.53
C MET A 188 -4.64 14.63 16.09
N ARG A 189 -4.46 13.52 15.38
CA ARG A 189 -3.55 12.48 15.82
C ARG A 189 -2.90 11.75 14.64
N LEU A 190 -1.78 11.09 14.91
CA LEU A 190 -1.09 10.32 13.89
C LEU A 190 -1.76 8.96 13.86
N SER A 191 -1.89 8.38 12.68
CA SER A 191 -2.51 7.06 12.55
C SER A 191 -1.57 5.99 13.10
N SER A 192 -2.11 4.81 13.36
CA SER A 192 -1.33 3.69 13.90
C SER A 192 0.03 3.47 13.24
N ASP A 193 0.08 3.53 11.92
CA ASP A 193 1.34 3.32 11.21
C ASP A 193 2.17 4.57 10.95
N GLY A 194 1.78 5.70 11.54
CA GLY A 194 2.51 6.94 11.37
C GLY A 194 2.53 7.49 9.95
N LYS A 195 1.58 7.05 9.12
CA LYS A 195 1.52 7.50 7.74
C LYS A 195 0.45 8.54 7.45
N GLN A 196 -0.46 8.74 8.39
CA GLN A 196 -1.53 9.70 8.18
C GLN A 196 -1.84 10.53 9.42
N ILE A 197 -2.46 11.68 9.17
CA ILE A 197 -2.90 12.54 10.24
C ILE A 197 -4.41 12.40 10.19
N ILE A 198 -5.00 11.98 11.30
CA ILE A 198 -6.45 11.81 11.35
C ILE A 198 -7.03 13.01 12.07
N ILE A 199 -7.93 13.72 11.37
CA ILE A 199 -8.58 14.90 11.91
C ILE A 199 -10.05 14.63 12.16
N THR A 200 -10.53 15.02 13.34
CA THR A 200 -11.95 14.88 13.67
C THR A 200 -12.44 16.32 13.81
N ALA A 201 -13.47 16.68 13.05
CA ALA A 201 -13.98 18.04 13.09
C ALA A 201 -15.50 18.11 13.15
N THR A 202 -15.99 19.17 13.78
CA THR A 202 -17.42 19.42 13.94
C THR A 202 -17.82 20.52 12.96
N MET A 203 -18.71 20.18 12.03
CA MET A 203 -19.18 21.11 11.02
C MET A 203 -20.20 22.07 11.60
N MET A 204 -20.09 23.34 11.23
CA MET A 204 -21.02 24.35 11.71
C MET A 204 -21.97 24.83 10.60
N GLY A 205 -21.86 26.11 10.25
CA GLY A 205 -22.73 26.66 9.22
C GLY A 205 -22.00 27.29 8.05
N THR A 206 -22.74 27.98 7.20
CA THR A 206 -22.18 28.63 6.01
C THR A 206 -22.21 30.16 6.09
N ALA A 207 -22.24 30.82 4.94
CA ALA A 207 -22.26 32.27 4.87
C ALA A 207 -23.59 32.87 5.35
N ALA B 1 40.47 -2.45 6.43
CA ALA B 1 40.00 -1.97 5.10
C ALA B 1 38.92 -0.91 5.25
N TYR B 2 38.48 -0.36 4.13
CA TYR B 2 37.43 0.65 4.13
C TYR B 2 36.33 0.32 3.13
N SER B 3 35.12 0.71 3.48
CA SER B 3 33.96 0.48 2.64
C SER B 3 33.13 1.75 2.66
N ASN B 4 33.18 2.49 1.54
CA ASN B 4 32.44 3.74 1.43
C ASN B 4 32.86 4.68 2.55
N THR B 5 34.13 4.57 2.94
CA THR B 5 34.75 5.37 3.99
C THR B 5 34.46 4.88 5.40
N TYR B 6 33.77 3.75 5.50
CA TYR B 6 33.49 3.18 6.80
C TYR B 6 34.58 2.14 7.05
N GLN B 7 35.20 2.25 8.21
CA GLN B 7 36.28 1.33 8.61
C GLN B 7 35.73 -0.09 8.73
N GLU B 8 36.36 -1.02 8.02
CA GLU B 8 35.94 -2.42 8.07
C GLU B 8 37.14 -3.29 8.43
N PHE B 9 37.18 -3.73 9.67
CA PHE B 9 38.30 -4.55 10.14
C PHE B 9 38.31 -5.93 9.49
N THR B 10 39.49 -6.37 9.09
CA THR B 10 39.66 -7.66 8.44
C THR B 10 40.64 -8.52 9.24
N ASN B 11 41.10 -7.99 10.36
CA ASN B 11 42.04 -8.68 11.22
C ASN B 11 41.65 -8.54 12.69
N ILE B 12 41.47 -9.67 13.38
CA ILE B 12 41.09 -9.66 14.79
C ILE B 12 41.96 -8.80 15.70
N ASP B 13 43.27 -8.95 15.58
CA ASP B 13 44.19 -8.17 16.41
C ASP B 13 44.01 -6.68 16.23
N GLN B 14 43.81 -6.25 14.99
CA GLN B 14 43.62 -4.84 14.69
C GLN B 14 42.32 -4.35 15.35
N ALA B 15 41.26 -5.11 15.12
CA ALA B 15 39.95 -4.78 15.69
C ALA B 15 40.00 -4.66 17.21
N LYS B 16 40.59 -5.66 17.85
CA LYS B 16 40.70 -5.65 19.31
C LYS B 16 41.53 -4.46 19.80
N ALA B 17 42.64 -4.18 19.12
CA ALA B 17 43.50 -3.06 19.51
C ALA B 17 42.68 -1.78 19.47
N TRP B 18 41.98 -1.58 18.36
CA TRP B 18 41.15 -0.40 18.18
C TRP B 18 40.10 -0.29 19.29
N GLY B 19 39.44 -1.40 19.58
CA GLY B 19 38.43 -1.42 20.62
C GLY B 19 38.99 -1.06 21.98
N ASN B 20 40.13 -1.65 22.33
CA ASN B 20 40.76 -1.37 23.61
C ASN B 20 41.09 0.11 23.68
N ALA B 21 41.64 0.65 22.59
CA ALA B 21 42.00 2.06 22.55
C ALA B 21 40.79 2.93 22.81
N GLN B 22 39.62 2.52 22.31
CA GLN B 22 38.42 3.30 22.53
C GLN B 22 37.96 3.16 23.98
N TYR B 23 37.95 1.93 24.47
CA TYR B 23 37.52 1.67 25.84
C TYR B 23 38.26 2.53 26.87
N LYS B 24 39.55 2.76 26.64
CA LYS B 24 40.37 3.57 27.55
C LYS B 24 39.87 5.00 27.72
N LYS B 25 39.18 5.50 26.69
CA LYS B 25 38.64 6.86 26.71
C LYS B 25 37.30 6.99 27.42
N TYR B 26 36.57 5.90 27.59
CA TYR B 26 35.25 5.94 28.22
C TYR B 26 35.16 6.54 29.62
N GLY B 27 35.90 5.96 30.56
CA GLY B 27 35.86 6.46 31.92
C GLY B 27 34.51 6.20 32.57
N LEU B 28 33.97 4.99 32.37
CA LEU B 28 32.68 4.61 32.93
C LEU B 28 32.74 4.55 34.44
N SER B 29 31.60 4.74 35.08
CA SER B 29 31.52 4.70 36.53
C SER B 29 31.35 3.25 36.93
N LYS B 30 31.63 2.94 38.19
CA LYS B 30 31.51 1.58 38.69
C LYS B 30 30.10 1.04 38.46
N SER B 31 29.09 1.90 38.60
CA SER B 31 27.70 1.49 38.43
C SER B 31 27.31 1.29 36.96
N GLU B 32 27.86 2.09 36.07
CA GLU B 32 27.55 1.95 34.65
C GLU B 32 28.12 0.61 34.17
N LYS B 33 29.31 0.25 34.64
CA LYS B 33 29.92 -1.02 34.25
C LYS B 33 29.09 -2.17 34.79
N GLU B 34 28.59 -2.03 36.01
CA GLU B 34 27.75 -3.07 36.59
C GLU B 34 26.50 -3.23 35.75
N ALA B 35 25.93 -2.10 35.33
CA ALA B 35 24.73 -2.13 34.51
C ALA B 35 25.01 -2.89 33.21
N ILE B 36 26.17 -2.64 32.62
CA ILE B 36 26.56 -3.29 31.38
C ILE B 36 26.75 -4.80 31.58
N VAL B 37 27.35 -5.18 32.70
CA VAL B 37 27.55 -6.59 32.97
C VAL B 37 26.17 -7.22 33.10
N SER B 38 25.28 -6.56 33.84
CA SER B 38 23.92 -7.06 34.03
C SER B 38 23.24 -7.24 32.68
N TYR B 39 23.36 -6.20 31.86
CA TYR B 39 22.73 -6.28 30.56
C TYR B 39 23.33 -7.38 29.73
N THR B 40 24.66 -7.58 29.69
CA THR B 40 25.20 -8.63 28.79
C THR B 40 24.83 -10.03 29.25
N LYS B 41 24.53 -10.18 30.52
CA LYS B 41 24.16 -11.49 31.04
C LYS B 41 22.73 -11.85 30.61
N SER B 42 21.86 -10.84 30.52
CA SER B 42 20.48 -11.05 30.12
C SER B 42 20.10 -10.13 28.95
N ALA B 43 21.01 -9.98 28.02
CA ALA B 43 20.79 -9.10 26.86
C ALA B 43 19.51 -9.39 26.09
N SER B 44 19.35 -10.64 25.65
CA SER B 44 18.18 -11.05 24.89
C SER B 44 16.87 -10.76 25.61
N GLU B 45 16.81 -11.14 26.89
CA GLU B 45 15.61 -10.94 27.67
C GLU B 45 15.23 -9.47 27.90
N ILE B 46 16.21 -8.63 28.23
CA ILE B 46 15.92 -7.21 28.44
C ILE B 46 15.46 -6.57 27.13
N ASN B 47 16.07 -7.00 26.02
CA ASN B 47 15.70 -6.47 24.72
C ASN B 47 14.25 -6.82 24.40
N GLY B 48 13.85 -8.04 24.73
CA GLY B 48 12.50 -8.48 24.49
C GLY B 48 11.47 -7.62 25.21
N LYS B 49 11.77 -7.25 26.44
CA LYS B 49 10.86 -6.43 27.25
C LYS B 49 10.84 -5.01 26.71
N LEU B 50 11.94 -4.57 26.13
CA LEU B 50 12.00 -3.23 25.58
C LEU B 50 11.13 -3.15 24.34
N ARG B 51 11.11 -4.22 23.55
CA ARG B 51 10.29 -4.25 22.34
C ARG B 51 8.81 -4.34 22.68
N GLN B 52 8.47 -5.31 23.52
CA GLN B 52 7.09 -5.53 23.95
C GLN B 52 6.43 -4.25 24.46
N ASN B 53 7.18 -3.41 25.17
CA ASN B 53 6.63 -2.18 25.74
C ASN B 53 7.04 -0.92 25.00
N LYS B 54 7.57 -1.08 23.79
CA LYS B 54 8.00 0.04 22.96
C LYS B 54 8.86 1.10 23.67
N GLY B 55 9.89 0.66 24.39
CA GLY B 55 10.77 1.59 25.05
C GLY B 55 10.41 2.09 26.44
N VAL B 56 9.13 2.07 26.79
CA VAL B 56 8.70 2.52 28.11
C VAL B 56 9.10 1.51 29.17
N ILE B 57 9.94 1.93 30.11
CA ILE B 57 10.41 1.03 31.17
C ILE B 57 9.74 1.25 32.53
N ASN B 58 8.87 2.25 32.62
CA ASN B 58 8.17 2.57 33.87
C ASN B 58 7.52 1.37 34.55
N GLY B 59 7.29 0.30 33.81
CA GLY B 59 6.66 -0.88 34.38
C GLY B 59 7.60 -2.01 34.71
N PHE B 60 8.89 -1.83 34.47
CA PHE B 60 9.86 -2.88 34.77
C PHE B 60 10.26 -2.84 36.24
N PRO B 61 10.82 -3.96 36.75
CA PRO B 61 11.24 -3.98 38.16
C PRO B 61 12.17 -2.78 38.31
N SER B 62 11.99 -2.02 39.39
CA SER B 62 12.86 -0.88 39.68
C SER B 62 14.34 -1.16 39.51
N ASN B 63 14.73 -2.43 39.62
CA ASN B 63 16.13 -2.80 39.46
C ASN B 63 16.53 -2.62 38.00
N LEU B 64 15.70 -3.14 37.10
CA LEU B 64 15.96 -3.05 35.68
C LEU B 64 15.90 -1.63 35.12
N ILE B 65 15.07 -0.78 35.71
CA ILE B 65 14.97 0.59 35.23
C ILE B 65 16.26 1.36 35.47
N LYS B 66 16.87 1.17 36.63
CA LYS B 66 18.13 1.85 36.94
C LYS B 66 19.22 1.41 35.97
N GLN B 67 19.31 0.10 35.76
CA GLN B 67 20.31 -0.47 34.85
C GLN B 67 20.12 0.13 33.45
N VAL B 68 18.86 0.20 33.01
CA VAL B 68 18.54 0.76 31.69
C VAL B 68 18.96 2.21 31.60
N GLU B 69 18.71 2.97 32.67
CA GLU B 69 19.07 4.37 32.68
C GLU B 69 20.59 4.54 32.74
N LEU B 70 21.26 3.62 33.43
CA LEU B 70 22.72 3.72 33.51
C LEU B 70 23.36 3.36 32.18
N LEU B 71 22.83 2.32 31.55
CA LEU B 71 23.34 1.88 30.25
C LEU B 71 23.14 3.03 29.27
N ASP B 72 21.95 3.63 29.28
CA ASP B 72 21.67 4.75 28.39
C ASP B 72 22.64 5.89 28.64
N LYS B 73 22.90 6.18 29.92
CA LYS B 73 23.79 7.25 30.30
C LYS B 73 25.22 6.99 29.85
N SER B 74 25.67 5.75 30.00
CA SER B 74 27.03 5.37 29.63
C SER B 74 27.33 5.69 28.18
N PHE B 75 26.31 5.71 27.32
CA PHE B 75 26.55 6.02 25.91
C PHE B 75 27.01 7.46 25.70
N ASN B 76 26.81 8.31 26.71
CA ASN B 76 27.28 9.69 26.58
C ASN B 76 28.79 9.67 26.56
N LYS B 77 29.37 8.57 27.00
CA LYS B 77 30.82 8.44 27.03
C LYS B 77 31.39 7.44 26.03
N MET B 78 30.51 6.78 25.28
CA MET B 78 30.95 5.80 24.30
C MET B 78 30.49 6.18 22.89
N LYS B 79 31.40 6.77 22.12
CA LYS B 79 31.11 7.21 20.77
C LYS B 79 32.27 6.84 19.86
N THR B 80 31.96 6.30 18.70
CA THR B 80 33.01 5.92 17.75
C THR B 80 33.66 7.19 17.20
N PRO B 81 34.99 7.18 17.05
CA PRO B 81 35.80 8.30 16.53
C PRO B 81 35.88 8.40 15.02
N GLU B 82 35.28 7.44 14.33
CA GLU B 82 35.32 7.39 12.87
C GLU B 82 34.18 6.57 12.31
N ASN B 83 33.95 6.69 11.00
CA ASN B 83 32.92 5.91 10.34
C ASN B 83 33.42 4.47 10.49
N ILE B 84 32.54 3.58 10.93
CA ILE B 84 32.94 2.20 11.13
C ILE B 84 31.79 1.24 10.80
N MET B 85 32.16 0.06 10.32
CA MET B 85 31.17 -0.94 9.95
C MET B 85 31.07 -1.98 11.05
N LEU B 86 29.83 -2.33 11.41
CA LEU B 86 29.57 -3.31 12.44
C LEU B 86 28.73 -4.44 11.83
N PHE B 87 28.78 -5.61 12.46
CA PHE B 87 28.06 -6.79 11.97
C PHE B 87 27.28 -7.49 13.06
N ARG B 88 26.17 -8.14 12.69
CA ARG B 88 25.41 -8.92 13.64
C ARG B 88 24.61 -9.97 12.90
N GLY B 89 24.29 -11.05 13.60
CA GLY B 89 23.50 -12.11 12.98
C GLY B 89 22.12 -12.11 13.60
N ASP B 90 21.11 -12.47 12.81
CA ASP B 90 19.75 -12.50 13.31
C ASP B 90 19.00 -13.74 12.85
N ASP B 91 18.05 -14.17 13.67
CA ASP B 91 17.23 -15.33 13.34
C ASP B 91 15.99 -14.80 12.60
N PRO B 92 15.24 -15.68 11.93
CA PRO B 92 14.04 -15.32 11.17
C PRO B 92 13.07 -14.34 11.82
N ALA B 93 12.78 -14.54 13.10
CA ALA B 93 11.84 -13.70 13.84
C ALA B 93 12.18 -12.22 13.68
N TYR B 94 13.45 -11.93 13.46
CA TYR B 94 13.92 -10.55 13.28
C TYR B 94 13.11 -9.84 12.21
N LEU B 95 12.76 -10.56 11.14
CA LEU B 95 12.00 -9.99 10.05
C LEU B 95 10.51 -9.83 10.32
N GLY B 96 10.00 -10.50 11.34
CA GLY B 96 8.59 -10.42 11.67
C GLY B 96 8.02 -11.79 11.97
N THR B 97 6.88 -11.83 12.65
CA THR B 97 6.26 -13.13 12.97
C THR B 97 5.90 -13.88 11.70
N GLU B 98 5.68 -13.16 10.60
CA GLU B 98 5.32 -13.84 9.36
C GLU B 98 6.48 -14.58 8.70
N PHE B 99 7.70 -14.27 9.12
CA PHE B 99 8.87 -14.93 8.56
C PHE B 99 9.42 -15.98 9.49
N GLN B 100 8.99 -15.94 10.75
CA GLN B 100 9.47 -16.89 11.74
C GLN B 100 9.47 -18.35 11.29
N ASN B 101 8.38 -18.80 10.67
CA ASN B 101 8.29 -20.18 10.22
C ASN B 101 8.15 -20.30 8.71
N THR B 102 8.56 -19.26 7.99
CA THR B 102 8.48 -19.28 6.52
C THR B 102 9.82 -18.97 5.87
N LEU B 103 10.69 -18.27 6.59
CA LEU B 103 11.99 -17.87 6.06
C LEU B 103 12.84 -19.01 5.52
N LEU B 104 13.08 -20.02 6.33
CA LEU B 104 13.90 -21.15 5.93
C LEU B 104 13.11 -22.38 5.49
N ASN B 105 13.73 -23.21 4.65
CA ASN B 105 13.12 -24.44 4.19
C ASN B 105 13.71 -25.57 5.01
N SER B 106 13.17 -26.77 4.83
CA SER B 106 13.66 -27.94 5.56
C SER B 106 15.12 -28.14 5.17
N ASN B 107 15.46 -27.66 3.98
CA ASN B 107 16.81 -27.75 3.43
C ASN B 107 17.84 -26.96 4.22
N GLY B 108 17.38 -26.17 5.17
CA GLY B 108 18.29 -25.34 5.95
C GLY B 108 18.72 -24.21 5.04
N THR B 109 18.02 -24.12 3.90
CA THR B 109 18.30 -23.09 2.90
C THR B 109 17.20 -22.04 2.88
N ILE B 110 17.60 -20.78 2.74
CA ILE B 110 16.68 -19.65 2.69
C ILE B 110 15.59 -19.84 1.64
N ASN B 111 14.33 -19.79 2.06
CA ASN B 111 13.23 -19.95 1.12
C ASN B 111 13.15 -18.71 0.23
N LYS B 112 13.45 -18.90 -1.06
CA LYS B 112 13.44 -17.81 -2.03
C LYS B 112 12.23 -16.88 -2.00
N THR B 113 11.03 -17.42 -1.83
CA THR B 113 9.83 -16.59 -1.81
C THR B 113 9.75 -15.71 -0.56
N ALA B 114 10.15 -16.26 0.58
CA ALA B 114 10.13 -15.52 1.83
C ALA B 114 11.13 -14.37 1.73
N PHE B 115 12.23 -14.60 1.04
CA PHE B 115 13.27 -13.58 0.87
C PHE B 115 12.72 -12.38 0.11
N GLU B 116 11.96 -12.64 -0.94
CA GLU B 116 11.38 -11.57 -1.74
C GLU B 116 10.36 -10.79 -0.90
N LYS B 117 9.70 -11.49 0.00
CA LYS B 117 8.71 -10.87 0.88
C LYS B 117 9.40 -9.90 1.83
N ALA B 118 10.53 -10.34 2.36
CA ALA B 118 11.31 -9.54 3.30
C ALA B 118 11.83 -8.26 2.66
N LYS B 119 12.33 -8.36 1.43
CA LYS B 119 12.85 -7.19 0.75
C LYS B 119 11.75 -6.14 0.56
N ALA B 120 10.56 -6.59 0.22
CA ALA B 120 9.44 -5.69 0.00
C ALA B 120 9.07 -4.95 1.27
N LYS B 121 9.21 -5.64 2.40
CA LYS B 121 8.87 -5.07 3.68
C LYS B 121 9.92 -4.11 4.24
N PHE B 122 11.19 -4.41 4.02
CA PHE B 122 12.28 -3.61 4.59
C PHE B 122 13.21 -2.80 3.69
N LEU B 123 13.36 -3.21 2.43
CA LEU B 123 14.27 -2.53 1.52
C LEU B 123 14.06 -1.03 1.36
N ASN B 124 15.12 -0.28 1.60
CA ASN B 124 15.09 1.17 1.48
C ASN B 124 14.08 1.83 2.42
N LYS B 125 13.86 1.20 3.57
CA LYS B 125 12.94 1.73 4.57
C LYS B 125 13.71 1.93 5.88
N ASP B 126 13.19 2.79 6.75
CA ASP B 126 13.79 3.03 8.06
C ASP B 126 13.21 2.02 9.04
N ARG B 127 14.03 1.62 10.02
CA ARG B 127 13.57 0.69 11.04
C ARG B 127 14.04 1.13 12.40
N LEU B 128 13.11 1.23 13.33
CA LEU B 128 13.38 1.64 14.71
C LEU B 128 13.46 0.40 15.60
N GLU B 129 14.50 0.35 16.42
CA GLU B 129 14.71 -0.78 17.33
C GLU B 129 14.58 -0.29 18.76
N TYR B 130 13.66 -0.92 19.51
CA TYR B 130 13.44 -0.55 20.90
C TYR B 130 14.52 -1.11 21.84
N GLY B 131 15.07 -2.26 21.47
CA GLY B 131 16.13 -2.84 22.29
C GLY B 131 17.47 -2.26 21.93
N TYR B 132 18.50 -2.62 22.69
CA TYR B 132 19.84 -2.13 22.36
C TYR B 132 20.24 -3.06 21.21
N ILE B 133 21.25 -2.68 20.45
CA ILE B 133 21.71 -3.51 19.35
C ILE B 133 23.17 -3.92 19.58
N SER B 134 23.37 -5.22 19.77
CA SER B 134 24.73 -5.72 19.97
C SER B 134 25.24 -6.07 18.58
N THR B 135 26.50 -5.79 18.34
CA THR B 135 27.12 -6.07 17.05
C THR B 135 28.56 -6.46 17.31
N SER B 136 29.27 -6.83 16.26
CA SER B 136 30.68 -7.18 16.40
C SER B 136 31.48 -6.39 15.38
N LEU B 137 32.74 -6.09 15.70
CA LEU B 137 33.61 -5.35 14.78
C LEU B 137 33.93 -6.15 13.52
N MET B 138 33.68 -7.45 13.56
CA MET B 138 33.94 -8.31 12.41
C MET B 138 32.85 -9.36 12.28
N ASN B 139 32.73 -9.97 11.10
CA ASN B 139 31.71 -10.98 10.88
C ASN B 139 32.14 -12.28 11.55
N VAL B 140 32.09 -12.29 12.87
CA VAL B 140 32.56 -13.41 13.69
C VAL B 140 31.71 -14.69 13.49
N SER B 141 32.38 -15.81 13.64
CA SER B 141 31.79 -17.17 13.47
C SER B 141 30.56 -17.40 14.35
N GLN B 142 30.67 -16.96 15.58
CA GLN B 142 29.60 -17.09 16.59
C GLN B 142 28.19 -16.85 16.01
N PHE B 143 28.06 -15.97 15.02
CA PHE B 143 26.75 -15.67 14.44
C PHE B 143 26.80 -15.51 12.93
N ALA B 144 27.98 -15.61 12.34
CA ALA B 144 28.14 -15.46 10.90
C ALA B 144 27.42 -16.54 10.11
N GLY B 145 26.82 -17.51 10.80
CA GLY B 145 26.12 -18.59 10.12
C GLY B 145 24.61 -18.48 10.18
N ARG B 146 24.12 -17.53 10.94
CA ARG B 146 22.68 -17.36 11.10
C ARG B 146 22.06 -16.91 9.77
N PRO B 147 20.73 -17.11 9.59
CA PRO B 147 20.02 -16.83 8.34
C PRO B 147 20.01 -15.35 7.95
N ILE B 148 20.33 -14.47 8.89
CA ILE B 148 20.40 -13.05 8.57
C ILE B 148 21.70 -12.47 9.13
N ILE B 149 22.37 -11.72 8.28
CA ILE B 149 23.61 -11.03 8.68
C ILE B 149 23.48 -9.57 8.27
N THR B 150 23.66 -8.67 9.22
CA THR B 150 23.54 -7.25 8.94
C THR B 150 24.85 -6.51 9.07
N LYS B 151 25.11 -5.61 8.13
CA LYS B 151 26.31 -4.79 8.10
C LYS B 151 25.83 -3.36 8.32
N PHE B 152 26.15 -2.81 9.48
CA PHE B 152 25.75 -1.46 9.84
C PHE B 152 26.85 -0.44 9.56
N LYS B 153 26.50 0.62 8.85
CA LYS B 153 27.47 1.67 8.60
C LYS B 153 27.21 2.69 9.70
N VAL B 154 28.14 2.78 10.65
CA VAL B 154 27.99 3.68 11.77
C VAL B 154 28.89 4.89 11.55
N ALA B 155 28.28 6.07 11.63
CA ALA B 155 29.00 7.33 11.42
C ALA B 155 29.83 7.82 12.59
N LYS B 156 30.89 8.54 12.27
CA LYS B 156 31.77 9.13 13.27
C LYS B 156 30.91 9.90 14.26
N GLY B 157 31.20 9.71 15.56
CA GLY B 157 30.45 10.40 16.59
C GLY B 157 29.18 9.73 17.09
N SER B 158 28.81 8.61 16.47
CA SER B 158 27.61 7.89 16.88
C SER B 158 27.88 7.18 18.19
N LYS B 159 26.81 6.89 18.92
CA LYS B 159 26.93 6.18 20.19
C LYS B 159 27.21 4.72 19.89
N ALA B 160 28.31 4.20 20.41
CA ALA B 160 28.69 2.80 20.21
C ALA B 160 29.85 2.53 21.14
N GLY B 161 29.77 1.44 21.90
CA GLY B 161 30.83 1.13 22.83
C GLY B 161 31.38 -0.29 22.78
N TYR B 162 32.70 -0.39 22.97
CA TYR B 162 33.39 -1.66 22.97
C TYR B 162 33.29 -2.09 24.44
N ILE B 163 32.51 -3.12 24.71
CA ILE B 163 32.30 -3.57 26.09
C ILE B 163 32.96 -4.88 26.50
N ASP B 164 33.81 -5.42 25.65
CA ASP B 164 34.49 -6.66 25.97
C ASP B 164 35.29 -6.52 27.26
N PRO B 165 35.98 -5.38 27.46
CA PRO B 165 36.77 -5.18 28.69
C PRO B 165 35.92 -5.10 29.95
N ILE B 166 34.61 -4.96 29.76
CA ILE B 166 33.68 -4.84 30.89
C ILE B 166 33.02 -6.15 31.28
N SER B 167 32.70 -6.99 30.31
CA SER B 167 32.01 -8.25 30.62
C SER B 167 32.38 -9.43 29.73
N ALA B 168 32.67 -10.55 30.37
CA ALA B 168 33.04 -11.78 29.66
C ALA B 168 31.82 -12.40 28.99
N PHE B 169 30.63 -11.85 29.24
CA PHE B 169 29.42 -12.37 28.64
C PHE B 169 29.15 -11.75 27.27
N ALA B 170 29.86 -10.66 26.98
CA ALA B 170 29.69 -10.00 25.69
C ALA B 170 30.25 -10.89 24.59
N GLY B 171 29.84 -10.62 23.36
CA GLY B 171 30.32 -11.41 22.24
C GLY B 171 31.72 -11.00 21.83
N GLN B 172 32.31 -11.74 20.89
CA GLN B 172 33.65 -11.44 20.41
C GLN B 172 33.66 -10.07 19.71
N LEU B 173 34.58 -9.20 20.12
CA LEU B 173 34.72 -7.86 19.54
C LEU B 173 33.37 -7.14 19.47
N GLU B 174 32.57 -7.27 20.53
CA GLU B 174 31.26 -6.65 20.57
C GLU B 174 31.25 -5.14 20.74
N MET B 175 30.36 -4.52 19.99
CA MET B 175 30.14 -3.07 20.05
C MET B 175 28.64 -2.99 20.29
N LEU B 176 28.24 -2.40 21.41
CA LEU B 176 26.82 -2.27 21.72
C LEU B 176 26.33 -0.90 21.24
N LEU B 177 25.12 -0.87 20.71
CA LEU B 177 24.54 0.38 20.23
C LEU B 177 23.35 0.72 21.12
N PRO B 178 23.10 2.01 21.36
CA PRO B 178 21.98 2.44 22.21
C PRO B 178 20.61 1.93 21.76
N ARG B 179 19.64 2.00 22.66
CA ARG B 179 18.29 1.57 22.34
C ARG B 179 17.56 2.70 21.62
N HIS B 180 16.45 2.35 20.96
CA HIS B 180 15.67 3.34 20.19
C HIS B 180 16.49 3.88 19.03
N SER B 181 17.37 3.05 18.46
CA SER B 181 18.16 3.50 17.33
C SER B 181 17.39 3.25 16.05
N THR B 182 17.54 4.14 15.09
CA THR B 182 16.88 3.97 13.80
C THR B 182 17.93 3.76 12.73
N TYR B 183 17.72 2.77 11.87
CA TYR B 183 18.65 2.54 10.77
C TYR B 183 17.91 2.42 9.45
N HIS B 184 18.57 2.80 8.36
CA HIS B 184 17.98 2.72 7.03
C HIS B 184 18.53 1.51 6.30
N ILE B 185 17.65 0.59 5.90
CA ILE B 185 18.11 -0.59 5.19
C ILE B 185 18.40 -0.20 3.74
N ASP B 186 19.68 -0.30 3.35
CA ASP B 186 20.09 0.08 2.00
C ASP B 186 20.06 -1.06 1.00
N ASP B 187 20.40 -2.25 1.44
CA ASP B 187 20.43 -3.39 0.53
C ASP B 187 20.18 -4.71 1.24
N MET B 188 19.70 -5.70 0.50
CA MET B 188 19.41 -7.05 1.02
C MET B 188 19.73 -8.08 -0.08
N ARG B 189 20.49 -9.13 0.24
CA ARG B 189 20.90 -10.14 -0.81
C ARG B 189 21.29 -11.49 -0.30
N LEU B 190 21.01 -12.60 -1.03
CA LEU B 190 21.29 -13.96 -0.47
C LEU B 190 22.78 -14.33 -0.54
N SER B 191 23.25 -15.03 0.49
CA SER B 191 24.66 -15.45 0.57
C SER B 191 24.98 -16.49 -0.50
N SER B 192 26.28 -16.73 -0.70
CA SER B 192 26.74 -17.70 -1.69
C SER B 192 26.15 -19.09 -1.47
N ASP B 193 26.26 -19.61 -0.24
CA ASP B 193 25.71 -20.93 0.05
C ASP B 193 24.19 -20.88 0.17
N GLY B 194 23.63 -19.70 -0.07
CA GLY B 194 22.18 -19.52 0.00
C GLY B 194 21.57 -19.72 1.37
N LYS B 195 22.39 -19.95 2.38
CA LYS B 195 21.88 -20.16 3.73
C LYS B 195 21.66 -18.87 4.53
N GLN B 196 21.94 -17.71 3.93
CA GLN B 196 21.80 -16.44 4.62
C GLN B 196 21.31 -15.27 3.78
N ILE B 197 20.84 -14.22 4.47
CA ILE B 197 20.38 -12.99 3.83
C ILE B 197 21.36 -11.92 4.33
N ILE B 198 21.92 -11.14 3.40
CA ILE B 198 22.89 -10.10 3.79
C ILE B 198 22.28 -8.71 3.70
N ILE B 199 22.14 -8.07 4.86
CA ILE B 199 21.56 -6.73 4.90
C ILE B 199 22.62 -5.66 5.14
N THR B 200 22.55 -4.59 4.37
CA THR B 200 23.47 -3.47 4.53
C THR B 200 22.57 -2.29 4.91
N ALA B 201 22.82 -1.71 6.08
CA ALA B 201 22.03 -0.60 6.57
C ALA B 201 22.89 0.54 7.09
N THR B 202 22.32 1.74 7.09
CA THR B 202 23.02 2.91 7.61
C THR B 202 22.37 3.29 8.94
N MET B 203 23.17 3.31 10.00
CA MET B 203 22.68 3.66 11.34
C MET B 203 22.44 5.17 11.34
N MET B 204 21.39 5.65 12.01
CA MET B 204 21.10 7.08 12.00
C MET B 204 20.97 7.89 13.29
N GLY B 205 20.90 7.23 14.43
CA GLY B 205 20.74 8.00 15.65
C GLY B 205 19.53 7.53 16.42
N THR B 206 19.39 8.03 17.65
CA THR B 206 18.29 7.61 18.53
C THR B 206 17.09 8.56 18.60
N ALA B 207 17.19 9.70 17.91
CA ALA B 207 16.10 10.67 17.90
C ALA B 207 15.73 11.02 16.47
N ILE B 208 15.45 10.01 15.66
CA ILE B 208 15.07 10.24 14.27
C ILE B 208 13.59 10.59 14.21
N ASN B 209 13.27 11.59 13.37
CA ASN B 209 11.89 12.04 13.20
C ASN B 209 11.31 12.45 14.55
N PRO B 210 11.91 13.45 15.21
CA PRO B 210 11.47 13.96 16.50
C PRO B 210 10.23 14.86 16.47
N LYS B 211 9.51 14.90 17.57
CA LYS B 211 8.31 15.73 17.69
C LYS B 211 8.72 17.19 17.87
N ASN C 4 1.23 -12.86 -10.23
CA ASN C 4 1.76 -14.24 -10.33
C ASN C 4 2.69 -14.36 -11.54
N THR C 5 2.14 -14.73 -12.69
CA THR C 5 2.91 -14.88 -13.92
C THR C 5 2.44 -13.83 -14.94
N TYR C 6 3.40 -13.12 -15.55
CA TYR C 6 3.07 -12.10 -16.53
C TYR C 6 3.54 -12.45 -17.93
N GLN C 7 2.61 -12.36 -18.87
CA GLN C 7 2.89 -12.65 -20.27
C GLN C 7 3.86 -11.62 -20.82
N GLU C 8 4.92 -12.10 -21.46
CA GLU C 8 5.89 -11.20 -22.07
C GLU C 8 6.04 -11.60 -23.52
N PHE C 9 5.63 -10.71 -24.41
CA PHE C 9 5.72 -11.00 -25.82
C PHE C 9 7.16 -11.11 -26.28
N THR C 10 7.43 -12.11 -27.11
CA THR C 10 8.78 -12.37 -27.60
C THR C 10 8.99 -12.04 -29.06
N ASN C 11 7.93 -11.66 -29.77
CA ASN C 11 8.05 -11.31 -31.18
C ASN C 11 6.92 -10.38 -31.61
N ILE C 12 7.20 -9.53 -32.59
CA ILE C 12 6.23 -8.56 -33.08
C ILE C 12 4.92 -9.13 -33.63
N ASP C 13 5.00 -10.25 -34.36
CA ASP C 13 3.82 -10.85 -34.94
C ASP C 13 2.76 -11.23 -33.94
N GLN C 14 3.18 -11.91 -32.89
CA GLN C 14 2.24 -12.34 -31.87
C GLN C 14 1.79 -11.19 -31.02
N ALA C 15 2.68 -10.23 -30.75
CA ALA C 15 2.32 -9.07 -29.94
C ALA C 15 1.25 -8.27 -30.69
N LYS C 16 1.47 -8.09 -31.98
CA LYS C 16 0.55 -7.34 -32.85
C LYS C 16 -0.79 -8.07 -32.99
N ALA C 17 -0.74 -9.39 -33.11
CA ALA C 17 -1.96 -10.18 -33.25
C ALA C 17 -2.83 -10.04 -32.01
N TRP C 18 -2.20 -10.15 -30.84
CA TRP C 18 -2.87 -10.03 -29.56
C TRP C 18 -3.46 -8.63 -29.44
N GLY C 19 -2.67 -7.63 -29.79
CA GLY C 19 -3.14 -6.25 -29.70
C GLY C 19 -4.37 -6.01 -30.56
N ASN C 20 -4.34 -6.47 -31.81
CA ASN C 20 -5.47 -6.29 -32.71
C ASN C 20 -6.71 -6.98 -32.15
N ALA C 21 -6.51 -8.12 -31.50
CA ALA C 21 -7.63 -8.85 -30.91
C ALA C 21 -8.20 -8.11 -29.73
N GLN C 22 -7.37 -7.37 -28.99
CA GLN C 22 -7.89 -6.62 -27.85
C GLN C 22 -8.67 -5.45 -28.42
N TYR C 23 -8.07 -4.78 -29.39
CA TYR C 23 -8.69 -3.62 -30.01
C TYR C 23 -10.12 -3.85 -30.44
N LYS C 24 -10.38 -4.99 -31.09
CA LYS C 24 -11.73 -5.26 -31.57
C LYS C 24 -12.77 -5.35 -30.46
N LYS C 25 -12.31 -5.43 -29.22
CA LYS C 25 -13.22 -5.51 -28.08
C LYS C 25 -13.60 -4.12 -27.55
N TYR C 26 -12.74 -3.13 -27.77
CA TYR C 26 -12.95 -1.78 -27.25
C TYR C 26 -14.27 -1.08 -27.55
N GLY C 27 -14.57 -0.89 -28.84
CA GLY C 27 -15.80 -0.20 -29.18
C GLY C 27 -15.75 1.27 -28.80
N LEU C 28 -14.60 1.91 -29.03
CA LEU C 28 -14.43 3.32 -28.73
C LEU C 28 -15.31 4.21 -29.60
N SER C 29 -15.62 5.40 -29.09
CA SER C 29 -16.42 6.37 -29.82
C SER C 29 -15.49 7.19 -30.69
N LYS C 30 -16.07 7.85 -31.69
CA LYS C 30 -15.30 8.68 -32.60
C LYS C 30 -14.50 9.72 -31.83
N SER C 31 -15.17 10.40 -30.90
CA SER C 31 -14.51 11.43 -30.09
C SER C 31 -13.36 10.84 -29.29
N GLU C 32 -13.58 9.65 -28.73
CA GLU C 32 -12.55 8.98 -27.95
C GLU C 32 -11.35 8.68 -28.84
N LYS C 33 -11.63 8.22 -30.06
CA LYS C 33 -10.58 7.92 -31.02
C LYS C 33 -9.79 9.19 -31.34
N GLU C 34 -10.48 10.28 -31.67
CA GLU C 34 -9.75 11.51 -32.01
C GLU C 34 -8.95 12.01 -30.84
N ALA C 35 -9.49 11.88 -29.63
CA ALA C 35 -8.78 12.32 -28.43
C ALA C 35 -7.48 11.54 -28.34
N ILE C 36 -7.56 10.24 -28.61
CA ILE C 36 -6.37 9.38 -28.56
C ILE C 36 -5.42 9.82 -29.66
N VAL C 37 -5.96 10.16 -30.83
CA VAL C 37 -5.12 10.63 -31.92
C VAL C 37 -4.41 11.91 -31.45
N SER C 38 -5.15 12.82 -30.84
CA SER C 38 -4.55 14.07 -30.36
C SER C 38 -3.41 13.80 -29.39
N TYR C 39 -3.59 12.78 -28.55
CA TYR C 39 -2.56 12.45 -27.55
C TYR C 39 -1.31 11.85 -28.18
N THR C 40 -1.48 11.09 -29.25
CA THR C 40 -0.33 10.50 -29.94
C THR C 40 0.44 11.58 -30.70
N LYS C 41 -0.23 12.69 -31.01
CA LYS C 41 0.39 13.80 -31.73
C LYS C 41 1.14 14.78 -30.85
N SER C 42 0.75 14.89 -29.57
CA SER C 42 1.40 15.82 -28.66
C SER C 42 1.58 15.21 -27.27
N ALA C 43 1.80 13.90 -27.23
CA ALA C 43 1.96 13.18 -25.98
C ALA C 43 2.87 13.85 -24.96
N SER C 44 4.11 14.12 -25.37
CA SER C 44 5.09 14.74 -24.48
C SER C 44 4.61 16.08 -23.95
N GLU C 45 4.01 16.88 -24.83
CA GLU C 45 3.52 18.19 -24.44
C GLU C 45 2.38 18.04 -23.44
N ILE C 46 1.40 17.22 -23.80
CA ILE C 46 0.26 17.00 -22.91
C ILE C 46 0.73 16.46 -21.56
N ASN C 47 1.55 15.40 -21.58
CA ASN C 47 2.05 14.84 -20.33
C ASN C 47 2.85 15.87 -19.53
N GLY C 48 3.51 16.78 -20.25
CA GLY C 48 4.29 17.81 -19.57
C GLY C 48 3.37 18.73 -18.79
N LYS C 49 2.29 19.15 -19.44
CA LYS C 49 1.34 20.07 -18.80
C LYS C 49 0.72 19.41 -17.57
N LEU C 50 0.42 18.14 -17.67
CA LEU C 50 -0.18 17.44 -16.54
C LEU C 50 0.82 17.48 -15.37
N ARG C 51 2.06 17.11 -15.63
CA ARG C 51 3.08 17.06 -14.58
C ARG C 51 3.33 18.44 -13.96
N GLN C 52 3.32 19.49 -14.78
CA GLN C 52 3.54 20.84 -14.30
C GLN C 52 2.33 21.29 -13.48
N ASN C 53 1.14 20.98 -13.97
CA ASN C 53 -0.11 21.35 -13.31
C ASN C 53 -0.45 20.36 -12.19
N LYS C 54 0.54 19.57 -11.76
CA LYS C 54 0.38 18.57 -10.71
C LYS C 54 -0.78 17.60 -10.88
N GLY C 55 -1.04 17.21 -12.13
CA GLY C 55 -2.09 16.24 -12.39
C GLY C 55 -3.50 16.78 -12.59
N VAL C 56 -3.74 18.05 -12.28
CA VAL C 56 -5.08 18.61 -12.46
C VAL C 56 -5.22 19.32 -13.80
N ILE C 57 -6.46 19.49 -14.25
CA ILE C 57 -6.75 20.16 -15.52
C ILE C 57 -6.91 21.66 -15.34
N ASN C 58 -6.90 22.10 -14.08
CA ASN C 58 -7.05 23.51 -13.74
C ASN C 58 -6.26 24.43 -14.66
N GLY C 59 -6.97 25.35 -15.31
CA GLY C 59 -6.33 26.31 -16.21
C GLY C 59 -5.97 25.80 -17.58
N PHE C 60 -6.42 24.59 -17.92
CA PHE C 60 -6.13 24.03 -19.23
C PHE C 60 -7.09 24.58 -20.28
N PRO C 61 -6.62 24.76 -21.51
CA PRO C 61 -7.49 25.29 -22.57
C PRO C 61 -8.65 24.33 -22.83
N SER C 62 -9.82 24.90 -23.08
CA SER C 62 -11.04 24.12 -23.33
C SER C 62 -10.79 22.81 -24.08
N ASN C 63 -10.18 22.91 -25.27
CA ASN C 63 -9.91 21.74 -26.10
C ASN C 63 -9.17 20.61 -25.40
N LEU C 64 -8.12 20.95 -24.67
CA LEU C 64 -7.32 19.97 -23.96
C LEU C 64 -8.10 19.28 -22.84
N ILE C 65 -8.89 20.07 -22.10
CA ILE C 65 -9.67 19.52 -21.00
C ILE C 65 -10.66 18.48 -21.51
N LYS C 66 -11.29 18.75 -22.64
CA LYS C 66 -12.25 17.82 -23.21
C LYS C 66 -11.55 16.56 -23.70
N GLN C 67 -10.36 16.72 -24.27
CA GLN C 67 -9.60 15.57 -24.76
C GLN C 67 -9.19 14.69 -23.59
N VAL C 68 -8.69 15.30 -22.53
CA VAL C 68 -8.26 14.56 -21.34
C VAL C 68 -9.41 13.76 -20.75
N GLU C 69 -10.56 14.41 -20.60
CA GLU C 69 -11.73 13.74 -20.03
C GLU C 69 -12.14 12.57 -20.91
N LEU C 70 -12.10 12.78 -22.23
CA LEU C 70 -12.45 11.72 -23.17
C LEU C 70 -11.42 10.61 -23.08
N LEU C 71 -10.13 10.98 -22.99
CA LEU C 71 -9.06 9.99 -22.86
C LEU C 71 -9.29 9.14 -21.62
N ASP C 72 -9.56 9.80 -20.49
CA ASP C 72 -9.78 9.14 -19.22
C ASP C 72 -10.92 8.15 -19.27
N LYS C 73 -12.01 8.56 -19.90
CA LYS C 73 -13.18 7.72 -20.04
C LYS C 73 -12.95 6.54 -20.98
N SER C 74 -12.14 6.74 -22.02
CA SER C 74 -11.89 5.67 -22.99
C SER C 74 -11.32 4.40 -22.36
N PHE C 75 -10.57 4.55 -21.27
CA PHE C 75 -9.97 3.40 -20.59
C PHE C 75 -10.98 2.47 -19.95
N ASN C 76 -12.23 2.91 -19.84
CA ASN C 76 -13.26 2.05 -19.28
C ASN C 76 -13.47 0.87 -20.23
N LYS C 77 -13.20 1.09 -21.52
CA LYS C 77 -13.35 0.06 -22.53
C LYS C 77 -12.06 -0.68 -22.91
N MET C 78 -10.92 -0.22 -22.39
CA MET C 78 -9.64 -0.85 -22.73
C MET C 78 -8.96 -1.44 -21.51
N LYS C 79 -9.18 -2.74 -21.29
CA LYS C 79 -8.63 -3.46 -20.14
C LYS C 79 -7.85 -4.67 -20.65
N THR C 80 -6.74 -5.01 -20.00
CA THR C 80 -5.97 -6.17 -20.44
C THR C 80 -6.67 -7.43 -19.93
N PRO C 81 -6.76 -8.47 -20.78
CA PRO C 81 -7.40 -9.74 -20.41
C PRO C 81 -6.51 -10.68 -19.61
N GLU C 82 -5.27 -10.27 -19.36
CA GLU C 82 -4.33 -11.12 -18.63
C GLU C 82 -3.19 -10.31 -18.04
N ASN C 83 -2.39 -10.96 -17.21
CA ASN C 83 -1.22 -10.31 -16.62
C ASN C 83 -0.26 -10.14 -17.79
N ILE C 84 0.26 -8.92 -17.97
CA ILE C 84 1.20 -8.68 -19.06
C ILE C 84 2.37 -7.80 -18.60
N MET C 85 3.48 -7.90 -19.32
CA MET C 85 4.66 -7.09 -19.04
C MET C 85 4.67 -6.01 -20.13
N LEU C 86 4.88 -4.77 -19.72
CA LEU C 86 4.95 -3.67 -20.66
C LEU C 86 6.31 -3.02 -20.44
N PHE C 87 6.82 -2.35 -21.48
CA PHE C 87 8.13 -1.73 -21.40
C PHE C 87 8.10 -0.27 -21.82
N ARG C 88 9.11 0.46 -21.37
CA ARG C 88 9.27 1.85 -21.77
C ARG C 88 10.68 2.30 -21.43
N GLY C 89 11.20 3.20 -22.25
CA GLY C 89 12.54 3.72 -22.04
C GLY C 89 12.45 5.16 -21.63
N ASP C 90 13.33 5.57 -20.73
CA ASP C 90 13.34 6.95 -20.24
C ASP C 90 14.72 7.57 -20.26
N ASP C 91 14.75 8.88 -20.36
CA ASP C 91 16.00 9.61 -20.33
C ASP C 91 16.24 10.03 -18.88
N PRO C 92 17.47 10.47 -18.56
CA PRO C 92 17.88 10.89 -17.21
C PRO C 92 16.89 11.72 -16.40
N ALA C 93 16.24 12.69 -17.05
CA ALA C 93 15.30 13.56 -16.37
C ALA C 93 14.13 12.84 -15.71
N TYR C 94 13.91 11.58 -16.10
CA TYR C 94 12.82 10.80 -15.50
C TYR C 94 13.09 10.62 -14.02
N LEU C 95 14.36 10.62 -13.64
CA LEU C 95 14.74 10.44 -12.25
C LEU C 95 14.74 11.74 -11.47
N GLY C 96 14.68 12.86 -12.18
CA GLY C 96 14.68 14.17 -11.54
C GLY C 96 15.68 15.09 -12.20
N THR C 97 15.40 16.39 -12.20
CA THR C 97 16.30 17.36 -12.82
C THR C 97 17.73 17.23 -12.29
N GLU C 98 17.87 16.67 -11.10
CA GLU C 98 19.19 16.49 -10.49
C GLU C 98 20.03 15.45 -11.20
N PHE C 99 19.38 14.47 -11.82
CA PHE C 99 20.10 13.42 -12.55
C PHE C 99 20.27 13.78 -14.02
N GLN C 100 19.57 14.82 -14.44
CA GLN C 100 19.60 15.28 -15.83
C GLN C 100 20.99 15.29 -16.47
N ASN C 101 22.00 15.76 -15.75
CA ASN C 101 23.36 15.81 -16.29
C ASN C 101 24.35 14.97 -15.48
N THR C 102 23.84 14.23 -14.49
CA THR C 102 24.72 13.42 -13.66
C THR C 102 24.61 11.92 -13.83
N LEU C 103 23.49 11.45 -14.37
CA LEU C 103 23.29 10.01 -14.54
C LEU C 103 24.38 9.34 -15.38
N LEU C 104 24.70 9.94 -16.51
CA LEU C 104 25.72 9.40 -17.42
C LEU C 104 27.01 10.20 -17.44
N ASN C 105 28.13 9.51 -17.33
CA ASN C 105 29.43 10.18 -17.37
C ASN C 105 30.09 9.94 -18.73
N SER C 106 31.20 10.53 -18.95
CA SER C 106 31.99 10.55 -20.20
C SER C 106 31.82 9.30 -21.11
N ASN C 107 32.40 8.17 -20.69
CA ASN C 107 32.41 6.94 -21.51
C ASN C 107 30.99 6.46 -21.86
N GLY C 108 30.00 7.02 -21.21
CA GLY C 108 28.57 6.69 -21.48
C GLY C 108 28.05 5.66 -20.51
N THR C 109 28.67 5.61 -19.39
CA THR C 109 28.31 4.67 -18.39
C THR C 109 27.61 5.35 -17.22
N ILE C 110 26.67 4.59 -16.70
CA ILE C 110 25.88 4.99 -15.56
C ILE C 110 26.82 5.27 -14.42
N ASN C 111 26.74 6.47 -13.90
CA ASN C 111 27.59 6.89 -12.79
C ASN C 111 27.15 6.17 -11.52
N LYS C 112 28.07 5.48 -10.85
CA LYS C 112 27.73 4.73 -9.65
C LYS C 112 27.03 5.55 -8.57
N THR C 113 27.60 6.71 -8.26
CA THR C 113 27.02 7.59 -7.25
C THR C 113 25.58 7.94 -7.60
N ALA C 114 25.35 8.31 -8.86
CA ALA C 114 24.01 8.67 -9.32
C ALA C 114 23.07 7.47 -9.22
N PHE C 115 23.58 6.29 -9.56
CA PHE C 115 22.77 5.08 -9.49
C PHE C 115 22.38 4.79 -8.05
N GLU C 116 23.28 5.11 -7.13
CA GLU C 116 23.01 4.91 -5.71
C GLU C 116 21.95 5.91 -5.27
N LYS C 117 22.06 7.15 -5.76
CA LYS C 117 21.10 8.19 -5.43
C LYS C 117 19.72 7.84 -5.96
N ALA C 118 19.68 7.36 -7.21
CA ALA C 118 18.40 6.99 -7.83
C ALA C 118 17.74 5.87 -7.02
N LYS C 119 18.52 4.86 -6.67
CA LYS C 119 18.01 3.73 -5.88
C LYS C 119 17.42 4.20 -4.55
N ALA C 120 18.17 5.03 -3.87
CA ALA C 120 17.74 5.58 -2.58
C ALA C 120 16.46 6.40 -2.77
N LYS C 121 16.33 7.08 -3.90
CA LYS C 121 15.16 7.89 -4.18
C LYS C 121 13.93 7.10 -4.65
N PHE C 122 14.14 5.99 -5.35
CA PHE C 122 13.00 5.24 -5.89
C PHE C 122 12.83 3.76 -5.50
N LEU C 123 13.91 3.09 -5.13
CA LEU C 123 13.83 1.67 -4.80
C LEU C 123 12.79 1.29 -3.74
N ASN C 124 11.96 0.32 -4.08
CA ASN C 124 10.89 -0.18 -3.21
C ASN C 124 9.94 0.89 -2.72
N LYS C 125 9.66 1.86 -3.56
CA LYS C 125 8.74 2.94 -3.21
C LYS C 125 7.67 3.09 -4.28
N ASP C 126 6.60 3.79 -3.96
CA ASP C 126 5.52 4.03 -4.90
C ASP C 126 5.82 5.31 -5.66
N ARG C 127 5.46 5.34 -6.93
CA ARG C 127 5.68 6.53 -7.74
C ARG C 127 4.38 6.85 -8.47
N LEU C 128 3.96 8.11 -8.37
CA LEU C 128 2.75 8.58 -9.01
C LEU C 128 3.10 9.37 -10.25
N GLU C 129 2.45 9.06 -11.37
CA GLU C 129 2.69 9.77 -12.62
C GLU C 129 1.46 10.59 -12.97
N TYR C 130 1.62 11.90 -13.15
CA TYR C 130 0.49 12.77 -13.48
C TYR C 130 0.08 12.66 -14.95
N GLY C 131 1.03 12.32 -15.81
CA GLY C 131 0.69 12.19 -17.21
C GLY C 131 0.24 10.78 -17.50
N TYR C 132 -0.05 10.51 -18.77
CA TYR C 132 -0.44 9.17 -19.19
C TYR C 132 0.90 8.48 -19.39
N ILE C 133 0.91 7.17 -19.30
CA ILE C 133 2.15 6.43 -19.49
C ILE C 133 2.09 5.65 -20.79
N SER C 134 2.99 5.99 -21.70
CA SER C 134 3.09 5.31 -22.99
C SER C 134 4.10 4.18 -22.80
N THR C 135 3.69 2.96 -23.13
CA THR C 135 4.58 1.81 -23.01
C THR C 135 4.43 1.01 -24.30
N SER C 136 5.22 -0.06 -24.41
CA SER C 136 5.18 -0.93 -25.58
C SER C 136 5.09 -2.37 -25.10
N LEU C 137 4.55 -3.24 -25.95
CA LEU C 137 4.43 -4.66 -25.62
C LEU C 137 5.81 -5.34 -25.58
N MET C 138 6.79 -4.70 -26.20
CA MET C 138 8.17 -5.20 -26.22
C MET C 138 9.10 -3.99 -26.04
N ASN C 139 10.38 -4.25 -25.80
CA ASN C 139 11.35 -3.17 -25.65
C ASN C 139 11.72 -2.74 -27.07
N VAL C 140 10.82 -2.03 -27.72
CA VAL C 140 11.04 -1.61 -29.09
C VAL C 140 12.22 -0.67 -29.29
N SER C 141 12.81 -0.74 -30.47
CA SER C 141 13.99 0.05 -30.81
C SER C 141 13.88 1.54 -30.58
N GLN C 142 12.75 2.13 -30.96
CA GLN C 142 12.60 3.57 -30.80
C GLN C 142 13.00 4.07 -29.44
N PHE C 143 12.81 3.26 -28.39
CA PHE C 143 13.18 3.71 -27.06
C PHE C 143 14.14 2.78 -26.30
N ALA C 144 14.50 1.66 -26.91
CA ALA C 144 15.42 0.71 -26.28
C ALA C 144 16.83 1.28 -26.08
N GLY C 145 17.12 2.41 -26.70
CA GLY C 145 18.44 3.01 -26.59
C GLY C 145 18.57 4.01 -25.46
N ARG C 146 17.48 4.22 -24.73
CA ARG C 146 17.51 5.15 -23.62
C ARG C 146 18.22 4.51 -22.42
N PRO C 147 18.81 5.34 -21.55
CA PRO C 147 19.55 4.90 -20.36
C PRO C 147 18.75 4.18 -19.29
N ILE C 148 17.44 4.42 -19.25
CA ILE C 148 16.58 3.79 -18.25
C ILE C 148 15.48 2.97 -18.94
N ILE C 149 15.41 1.68 -18.60
CA ILE C 149 14.40 0.79 -19.16
C ILE C 149 13.58 0.27 -18.00
N THR C 150 12.26 0.43 -18.10
CA THR C 150 11.36 -0.03 -17.05
C THR C 150 10.47 -1.15 -17.57
N LYS C 151 10.30 -2.17 -16.75
CA LYS C 151 9.44 -3.30 -17.07
C LYS C 151 8.29 -3.20 -16.09
N PHE C 152 7.08 -3.04 -16.63
CA PHE C 152 5.90 -2.90 -15.79
C PHE C 152 5.10 -4.20 -15.72
N LYS C 153 4.75 -4.60 -14.51
CA LYS C 153 3.93 -5.79 -14.31
C LYS C 153 2.51 -5.25 -14.18
N VAL C 154 1.70 -5.49 -15.21
CA VAL C 154 0.33 -5.03 -15.26
C VAL C 154 -0.63 -6.20 -15.09
N ALA C 155 -1.45 -6.13 -14.05
CA ALA C 155 -2.36 -7.23 -13.75
C ALA C 155 -3.59 -7.33 -14.65
N LYS C 156 -4.05 -8.56 -14.83
CA LYS C 156 -5.25 -8.82 -15.60
C LYS C 156 -6.33 -7.87 -15.10
N GLY C 157 -7.13 -7.35 -16.01
CA GLY C 157 -8.20 -6.45 -15.63
C GLY C 157 -7.83 -4.98 -15.59
N SER C 158 -6.53 -4.68 -15.63
CA SER C 158 -6.05 -3.30 -15.56
C SER C 158 -6.34 -2.47 -16.81
N LYS C 159 -6.45 -1.16 -16.64
CA LYS C 159 -6.68 -0.27 -17.76
C LYS C 159 -5.39 -0.16 -18.57
N ALA C 160 -5.48 -0.53 -19.84
CA ALA C 160 -4.35 -0.50 -20.76
C ALA C 160 -4.92 -0.66 -22.16
N GLY C 161 -4.56 0.24 -23.06
CA GLY C 161 -5.07 0.17 -24.41
C GLY C 161 -4.06 0.07 -25.54
N TYR C 162 -4.32 -0.87 -26.45
CA TYR C 162 -3.48 -1.09 -27.61
C TYR C 162 -4.01 -0.05 -28.60
N ILE C 163 -3.28 1.04 -28.79
CA ILE C 163 -3.76 2.11 -29.64
C ILE C 163 -3.28 2.23 -31.09
N ASP C 164 -2.40 1.33 -31.55
CA ASP C 164 -1.93 1.41 -32.92
C ASP C 164 -3.05 1.46 -33.97
N PRO C 165 -4.10 0.64 -33.81
CA PRO C 165 -5.22 0.63 -34.76
C PRO C 165 -6.00 1.94 -34.77
N ILE C 166 -5.77 2.76 -33.76
CA ILE C 166 -6.45 4.05 -33.60
C ILE C 166 -5.69 5.20 -34.23
N SER C 167 -4.37 5.16 -34.14
CA SER C 167 -3.56 6.26 -34.65
C SER C 167 -2.21 5.85 -35.24
N ALA C 168 -1.99 6.23 -36.49
CA ALA C 168 -0.74 5.92 -37.17
C ALA C 168 0.43 6.59 -36.45
N PHE C 169 0.14 7.56 -35.59
CA PHE C 169 1.19 8.28 -34.88
C PHE C 169 1.63 7.54 -33.62
N ALA C 170 0.83 6.58 -33.18
CA ALA C 170 1.17 5.82 -31.99
C ALA C 170 2.47 5.04 -32.21
N GLY C 171 3.19 4.75 -31.12
CA GLY C 171 4.43 4.02 -31.22
C GLY C 171 4.19 2.55 -31.55
N GLN C 172 5.27 1.87 -31.94
CA GLN C 172 5.21 0.46 -32.29
C GLN C 172 4.76 -0.35 -31.07
N LEU C 173 3.66 -1.11 -31.22
CA LEU C 173 3.13 -1.94 -30.13
C LEU C 173 2.79 -1.12 -28.88
N GLU C 174 2.48 0.15 -29.08
CA GLU C 174 2.17 1.01 -27.96
C GLU C 174 0.94 0.60 -27.14
N MET C 175 1.12 0.57 -25.83
CA MET C 175 0.06 0.26 -24.89
C MET C 175 -0.02 1.50 -24.02
N LEU C 176 -1.15 2.21 -24.09
CA LEU C 176 -1.32 3.43 -23.30
C LEU C 176 -1.95 3.12 -21.97
N LEU C 177 -1.38 3.67 -20.90
CA LEU C 177 -1.90 3.48 -19.56
C LEU C 177 -2.48 4.84 -19.13
N PRO C 178 -3.54 4.82 -18.31
CA PRO C 178 -4.18 6.05 -17.84
C PRO C 178 -3.29 6.96 -17.02
N ARG C 179 -3.67 8.24 -16.99
CA ARG C 179 -2.92 9.23 -16.23
C ARG C 179 -3.22 9.05 -14.76
N HIS C 180 -2.40 9.67 -13.92
CA HIS C 180 -2.55 9.59 -12.47
C HIS C 180 -2.44 8.17 -11.96
N SER C 181 -1.55 7.39 -12.57
CA SER C 181 -1.33 5.99 -12.19
C SER C 181 -0.18 5.88 -11.23
N THR C 182 -0.26 4.91 -10.33
CA THR C 182 0.80 4.68 -9.36
C THR C 182 1.37 3.31 -9.59
N TYR C 183 2.68 3.18 -9.44
CA TYR C 183 3.34 1.90 -9.57
C TYR C 183 4.43 1.81 -8.52
N HIS C 184 4.77 0.59 -8.15
CA HIS C 184 5.78 0.38 -7.13
C HIS C 184 7.06 -0.13 -7.78
N ILE C 185 8.17 0.53 -7.49
CA ILE C 185 9.45 0.12 -8.04
C ILE C 185 10.00 -0.99 -7.17
N ASP C 186 9.90 -2.22 -7.67
CA ASP C 186 10.35 -3.41 -6.95
C ASP C 186 11.86 -3.63 -6.99
N ASP C 187 12.48 -3.41 -8.13
CA ASP C 187 13.92 -3.60 -8.27
C ASP C 187 14.55 -2.59 -9.22
N MET C 188 15.84 -2.33 -9.01
CA MET C 188 16.61 -1.41 -9.83
C MET C 188 18.03 -1.95 -9.93
N ARG C 189 18.45 -2.28 -11.15
CA ARG C 189 19.78 -2.82 -11.36
C ARG C 189 20.42 -2.23 -12.61
N LEU C 190 21.72 -2.46 -12.74
CA LEU C 190 22.47 -2.02 -13.91
C LEU C 190 22.44 -3.18 -14.88
N SER C 191 22.42 -2.88 -16.18
CA SER C 191 22.41 -3.92 -17.19
C SER C 191 23.79 -4.57 -17.24
N SER C 192 23.90 -5.69 -17.98
CA SER C 192 25.18 -6.41 -18.10
C SER C 192 26.32 -5.40 -18.15
N ASP C 193 26.18 -4.40 -19.01
CA ASP C 193 27.20 -3.31 -19.12
C ASP C 193 26.67 -2.21 -18.29
N GLY C 194 27.49 -1.40 -17.62
CA GLY C 194 26.91 -0.33 -16.74
C GLY C 194 26.29 0.81 -17.55
N LYS C 195 25.71 0.53 -18.71
CA LYS C 195 25.19 1.58 -19.58
C LYS C 195 23.69 1.85 -19.39
N GLN C 196 22.96 0.97 -18.70
CA GLN C 196 21.54 1.16 -18.47
C GLN C 196 21.05 0.79 -17.07
N ILE C 197 20.00 1.47 -16.63
CA ILE C 197 19.37 1.18 -15.35
C ILE C 197 18.08 0.47 -15.74
N ILE C 198 17.94 -0.77 -15.27
CA ILE C 198 16.77 -1.58 -15.55
C ILE C 198 15.87 -1.57 -14.32
N ILE C 199 14.69 -0.98 -14.48
CA ILE C 199 13.71 -0.87 -13.42
C ILE C 199 12.54 -1.84 -13.57
N THR C 200 12.24 -2.56 -12.51
CA THR C 200 11.11 -3.49 -12.54
C THR C 200 10.08 -2.95 -11.56
N ALA C 201 8.87 -2.70 -12.07
CA ALA C 201 7.81 -2.16 -11.24
C ALA C 201 6.48 -2.88 -11.41
N THR C 202 5.66 -2.79 -10.37
CA THR C 202 4.34 -3.40 -10.38
C THR C 202 3.33 -2.25 -10.52
N MET C 203 2.60 -2.25 -11.63
CA MET C 203 1.61 -1.21 -11.90
C MET C 203 0.44 -1.40 -10.95
N MET C 204 0.01 -0.32 -10.29
CA MET C 204 -1.10 -0.40 -9.36
C MET C 204 -2.32 0.24 -10.02
N GLY C 205 -2.07 1.04 -11.04
CA GLY C 205 -3.16 1.67 -11.76
C GLY C 205 -3.58 3.05 -11.31
N THR C 206 -4.69 3.50 -11.87
CA THR C 206 -5.25 4.81 -11.56
C THR C 206 -6.51 4.62 -10.75
N ALA C 207 -6.87 5.63 -9.98
CA ALA C 207 -8.08 5.58 -9.16
C ALA C 207 -9.16 6.39 -9.87
N ILE C 208 -8.74 7.19 -10.86
CA ILE C 208 -9.67 8.00 -11.65
C ILE C 208 -10.59 7.06 -12.41
N ASN C 209 -11.84 6.99 -11.96
CA ASN C 209 -12.80 6.10 -12.59
C ASN C 209 -14.05 6.83 -13.07
N PRO C 210 -14.03 7.36 -14.31
CA PRO C 210 -15.20 8.07 -14.82
C PRO C 210 -16.29 7.02 -14.98
N LYS C 211 -17.55 7.41 -14.81
CA LYS C 211 -18.61 6.45 -14.96
C LYS C 211 -18.71 6.02 -16.42
N ASN D 4 -28.40 -4.93 10.55
CA ASN D 4 -27.52 -5.95 9.92
C ASN D 4 -26.40 -5.28 9.12
N THR D 5 -25.43 -4.72 9.83
CA THR D 5 -24.32 -4.06 9.17
C THR D 5 -23.04 -4.87 9.27
N TYR D 6 -22.40 -5.09 8.13
CA TYR D 6 -21.16 -5.84 8.10
C TYR D 6 -20.07 -4.90 7.60
N GLN D 7 -19.10 -4.61 8.45
CA GLN D 7 -18.05 -3.68 8.04
C GLN D 7 -17.27 -4.10 6.82
N GLU D 8 -17.05 -3.13 5.95
CA GLU D 8 -16.31 -3.32 4.72
C GLU D 8 -15.12 -2.37 4.73
N PHE D 9 -13.93 -2.92 4.89
CA PHE D 9 -12.73 -2.08 4.90
C PHE D 9 -12.48 -1.51 3.51
N THR D 10 -12.19 -0.21 3.48
CA THR D 10 -11.96 0.49 2.22
C THR D 10 -10.52 0.93 1.98
N ASN D 11 -9.60 0.59 2.88
CA ASN D 11 -8.19 0.92 2.71
C ASN D 11 -7.32 -0.09 3.43
N ILE D 12 -6.22 -0.46 2.78
CA ILE D 12 -5.28 -1.44 3.30
C ILE D 12 -4.76 -1.19 4.72
N ASP D 13 -4.41 0.06 5.01
CA ASP D 13 -3.89 0.41 6.32
C ASP D 13 -4.92 0.16 7.41
N GLN D 14 -6.15 0.59 7.17
CA GLN D 14 -7.22 0.39 8.14
C GLN D 14 -7.47 -1.11 8.34
N ALA D 15 -7.53 -1.85 7.23
CA ALA D 15 -7.77 -3.29 7.30
C ALA D 15 -6.61 -3.99 7.99
N LYS D 16 -5.40 -3.54 7.69
CA LYS D 16 -4.20 -4.12 8.26
C LYS D 16 -4.18 -3.92 9.77
N ALA D 17 -4.55 -2.71 10.22
CA ALA D 17 -4.57 -2.40 11.64
C ALA D 17 -5.57 -3.31 12.36
N TRP D 18 -6.79 -3.40 11.83
CA TRP D 18 -7.84 -4.23 12.42
C TRP D 18 -7.35 -5.67 12.52
N GLY D 19 -6.81 -6.19 11.43
CA GLY D 19 -6.32 -7.56 11.42
C GLY D 19 -5.25 -7.81 12.46
N ASN D 20 -4.28 -6.89 12.56
CA ASN D 20 -3.20 -7.02 13.53
C ASN D 20 -3.78 -7.06 14.94
N ALA D 21 -4.80 -6.26 15.19
CA ALA D 21 -5.43 -6.21 16.50
C ALA D 21 -6.09 -7.56 16.79
N GLN D 22 -6.67 -8.17 15.76
CA GLN D 22 -7.33 -9.46 15.93
C GLN D 22 -6.31 -10.55 16.22
N TYR D 23 -5.25 -10.58 15.43
CA TYR D 23 -4.22 -11.59 15.59
C TYR D 23 -3.65 -11.67 17.01
N LYS D 24 -3.41 -10.52 17.63
CA LYS D 24 -2.87 -10.49 18.99
C LYS D 24 -3.70 -11.31 19.97
N LYS D 25 -5.00 -11.42 19.72
CA LYS D 25 -5.90 -12.17 20.60
C LYS D 25 -5.84 -13.68 20.41
N TYR D 26 -5.34 -14.12 19.27
CA TYR D 26 -5.28 -15.54 18.93
C TYR D 26 -4.51 -16.44 19.89
N GLY D 27 -3.24 -16.13 20.11
CA GLY D 27 -2.44 -16.96 21.00
C GLY D 27 -2.38 -18.40 20.51
N LEU D 28 -2.08 -18.57 19.22
CA LEU D 28 -1.99 -19.90 18.64
C LEU D 28 -0.73 -20.62 19.08
N SER D 29 -0.73 -21.94 18.95
CA SER D 29 0.43 -22.74 19.32
C SER D 29 1.37 -22.76 18.13
N LYS D 30 2.59 -23.26 18.35
CA LYS D 30 3.57 -23.34 17.28
C LYS D 30 3.10 -24.32 16.21
N SER D 31 2.50 -25.43 16.65
CA SER D 31 2.00 -26.45 15.73
C SER D 31 0.86 -25.92 14.87
N GLU D 32 0.01 -25.09 15.48
CA GLU D 32 -1.13 -24.51 14.76
C GLU D 32 -0.66 -23.47 13.76
N LYS D 33 0.40 -22.75 14.11
CA LYS D 33 0.94 -21.74 13.22
C LYS D 33 1.63 -22.41 12.05
N GLU D 34 2.35 -23.50 12.32
CA GLU D 34 3.02 -24.22 11.24
C GLU D 34 1.95 -24.88 10.36
N ALA D 35 0.82 -25.25 10.97
CA ALA D 35 -0.26 -25.87 10.23
C ALA D 35 -0.79 -24.85 9.24
N ILE D 36 -0.97 -23.62 9.71
CA ILE D 36 -1.46 -22.54 8.87
C ILE D 36 -0.43 -22.20 7.80
N VAL D 37 0.85 -22.17 8.17
CA VAL D 37 1.90 -21.86 7.20
C VAL D 37 1.83 -22.85 6.05
N SER D 38 1.69 -24.13 6.38
CA SER D 38 1.64 -25.16 5.36
C SER D 38 0.43 -24.94 4.44
N TYR D 39 -0.69 -24.54 5.01
CA TYR D 39 -1.88 -24.29 4.21
C TYR D 39 -1.58 -23.20 3.18
N THR D 40 -1.02 -22.09 3.65
CA THR D 40 -0.71 -20.99 2.74
C THR D 40 0.20 -21.42 1.60
N LYS D 41 0.88 -22.54 1.78
CA LYS D 41 1.77 -23.06 0.74
C LYS D 41 1.07 -24.09 -0.15
N SER D 42 0.16 -24.87 0.42
CA SER D 42 -0.53 -25.90 -0.34
C SER D 42 -2.05 -25.95 -0.20
N ALA D 43 -2.71 -24.79 -0.31
CA ALA D 43 -4.17 -24.75 -0.16
C ALA D 43 -4.88 -25.63 -1.20
N SER D 44 -4.35 -25.64 -2.42
CA SER D 44 -4.93 -26.43 -3.51
C SER D 44 -5.01 -27.92 -3.23
N GLU D 45 -3.92 -28.49 -2.75
CA GLU D 45 -3.88 -29.92 -2.44
C GLU D 45 -4.88 -30.28 -1.35
N ILE D 46 -4.69 -29.69 -0.17
CA ILE D 46 -5.55 -29.96 0.98
C ILE D 46 -7.03 -29.78 0.66
N ASN D 47 -7.37 -28.68 -0.01
CA ASN D 47 -8.76 -28.42 -0.35
C ASN D 47 -9.29 -29.39 -1.40
N GLY D 48 -8.52 -29.61 -2.46
CA GLY D 48 -8.95 -30.53 -3.49
C GLY D 48 -9.16 -31.89 -2.87
N LYS D 49 -8.30 -32.21 -1.91
CA LYS D 49 -8.33 -33.47 -1.19
C LYS D 49 -9.62 -33.59 -0.37
N LEU D 50 -10.03 -32.47 0.24
CA LEU D 50 -11.25 -32.45 1.05
C LEU D 50 -12.51 -32.53 0.20
N ARG D 51 -12.53 -31.83 -0.92
CA ARG D 51 -13.70 -31.84 -1.82
C ARG D 51 -13.90 -33.26 -2.34
N GLN D 52 -12.81 -33.87 -2.78
CA GLN D 52 -12.82 -35.23 -3.32
C GLN D 52 -13.45 -36.23 -2.35
N ASN D 53 -13.00 -36.18 -1.10
CA ASN D 53 -13.51 -37.09 -0.07
C ASN D 53 -14.70 -36.54 0.70
N LYS D 54 -15.34 -35.52 0.13
CA LYS D 54 -16.49 -34.90 0.75
C LYS D 54 -16.33 -34.65 2.25
N GLY D 55 -15.17 -34.15 2.65
CA GLY D 55 -14.93 -33.85 4.05
C GLY D 55 -14.45 -34.98 4.94
N VAL D 56 -14.35 -36.19 4.38
CA VAL D 56 -13.89 -37.35 5.16
C VAL D 56 -12.37 -37.44 5.11
N ILE D 57 -11.73 -37.22 6.26
CA ILE D 57 -10.28 -37.28 6.34
C ILE D 57 -9.75 -38.60 6.88
N ASN D 58 -10.49 -39.69 6.66
CA ASN D 58 -10.07 -41.00 7.14
C ASN D 58 -8.87 -41.54 6.37
N GLY D 59 -8.98 -41.54 5.04
CA GLY D 59 -7.90 -42.04 4.21
C GLY D 59 -6.72 -41.08 4.07
N PHE D 60 -6.90 -39.85 4.53
CA PHE D 60 -5.86 -38.84 4.45
C PHE D 60 -4.55 -39.28 5.12
N PRO D 61 -3.41 -38.90 4.53
CA PRO D 61 -2.09 -39.25 5.07
C PRO D 61 -1.93 -38.78 6.51
N SER D 62 -1.04 -39.44 7.25
CA SER D 62 -0.79 -39.12 8.65
C SER D 62 -0.51 -37.64 8.88
N ASN D 63 0.32 -37.05 8.04
CA ASN D 63 0.68 -35.64 8.20
C ASN D 63 -0.47 -34.69 7.85
N LEU D 64 -1.24 -35.05 6.82
CA LEU D 64 -2.37 -34.23 6.37
C LEU D 64 -3.46 -34.18 7.45
N ILE D 65 -3.76 -35.33 8.05
CA ILE D 65 -4.77 -35.41 9.10
C ILE D 65 -4.39 -34.47 10.24
N LYS D 66 -3.13 -34.56 10.66
CA LYS D 66 -2.63 -33.73 11.74
C LYS D 66 -2.76 -32.25 11.39
N GLN D 67 -2.50 -31.91 10.14
CA GLN D 67 -2.60 -30.52 9.71
C GLN D 67 -4.04 -30.05 9.75
N VAL D 68 -4.94 -30.82 9.14
CA VAL D 68 -6.35 -30.47 9.11
C VAL D 68 -6.92 -30.32 10.51
N GLU D 69 -6.52 -31.22 11.40
CA GLU D 69 -6.99 -31.17 12.78
C GLU D 69 -6.46 -29.94 13.48
N LEU D 70 -5.20 -29.59 13.20
CA LEU D 70 -4.61 -28.41 13.82
C LEU D 70 -5.32 -27.17 13.28
N LEU D 71 -5.53 -27.12 11.97
CA LEU D 71 -6.21 -25.99 11.34
C LEU D 71 -7.60 -25.81 11.96
N ASP D 72 -8.33 -26.92 12.08
CA ASP D 72 -9.67 -26.87 12.67
C ASP D 72 -9.63 -26.28 14.07
N LYS D 73 -8.70 -26.76 14.89
CA LYS D 73 -8.60 -26.30 16.27
C LYS D 73 -8.19 -24.83 16.39
N SER D 74 -7.30 -24.36 15.53
CA SER D 74 -6.86 -22.96 15.59
C SER D 74 -8.05 -22.02 15.51
N PHE D 75 -9.10 -22.44 14.81
CA PHE D 75 -10.30 -21.64 14.67
C PHE D 75 -11.05 -21.39 15.97
N ASN D 76 -10.75 -22.17 17.01
CA ASN D 76 -11.41 -21.96 18.29
C ASN D 76 -10.84 -20.68 18.90
N LYS D 77 -9.71 -20.24 18.37
CA LYS D 77 -9.03 -19.04 18.84
C LYS D 77 -9.15 -17.84 17.91
N MET D 78 -9.71 -18.07 16.72
CA MET D 78 -9.85 -16.98 15.75
C MET D 78 -11.30 -16.77 15.37
N LYS D 79 -11.92 -15.77 15.98
CA LYS D 79 -13.31 -15.44 15.72
C LYS D 79 -13.37 -13.94 15.47
N THR D 80 -14.21 -13.52 14.55
CA THR D 80 -14.31 -12.09 14.27
C THR D 80 -15.09 -11.43 15.40
N PRO D 81 -14.62 -10.26 15.87
CA PRO D 81 -15.32 -9.57 16.96
C PRO D 81 -16.55 -8.81 16.49
N GLU D 82 -16.74 -8.73 15.17
CA GLU D 82 -17.87 -8.01 14.62
C GLU D 82 -18.31 -8.57 13.27
N ASN D 83 -19.49 -8.17 12.82
CA ASN D 83 -19.99 -8.61 11.51
C ASN D 83 -19.04 -7.96 10.53
N ILE D 84 -18.50 -8.75 9.60
CA ILE D 84 -17.58 -8.21 8.61
C ILE D 84 -17.87 -8.76 7.23
N MET D 85 -17.43 -8.05 6.22
CA MET D 85 -17.59 -8.49 4.84
C MET D 85 -16.24 -8.97 4.36
N LEU D 86 -16.23 -10.12 3.71
CA LEU D 86 -14.99 -10.67 3.18
C LEU D 86 -15.13 -10.87 1.68
N PHE D 87 -14.01 -10.89 0.98
CA PHE D 87 -14.04 -11.03 -0.45
C PHE D 87 -13.31 -12.22 -1.02
N ARG D 88 -13.73 -12.59 -2.21
CA ARG D 88 -13.12 -13.68 -2.96
C ARG D 88 -13.34 -13.41 -4.42
N GLY D 89 -12.35 -13.77 -5.22
CA GLY D 89 -12.47 -13.63 -6.65
C GLY D 89 -12.41 -15.07 -7.13
N ASP D 90 -13.23 -15.42 -8.10
CA ASP D 90 -13.22 -16.79 -8.61
C ASP D 90 -13.34 -16.85 -10.12
N ASP D 91 -12.79 -17.92 -10.70
CA ASP D 91 -12.85 -18.12 -12.13
C ASP D 91 -14.14 -18.89 -12.44
N PRO D 92 -14.56 -18.92 -13.72
CA PRO D 92 -15.78 -19.61 -14.16
C PRO D 92 -16.05 -21.00 -13.61
N ALA D 93 -15.02 -21.85 -13.57
CA ALA D 93 -15.19 -23.22 -13.08
C ALA D 93 -15.82 -23.25 -11.68
N TYR D 94 -15.72 -22.13 -10.98
CA TYR D 94 -16.30 -22.04 -9.64
C TYR D 94 -17.80 -22.30 -9.68
N LEU D 95 -18.43 -21.96 -10.80
CA LEU D 95 -19.87 -22.13 -10.95
C LEU D 95 -20.24 -23.53 -11.43
N GLY D 96 -19.23 -24.29 -11.85
CA GLY D 96 -19.49 -25.63 -12.34
C GLY D 96 -18.84 -25.82 -13.70
N THR D 97 -18.57 -27.07 -14.06
CA THR D 97 -17.94 -27.38 -15.34
C THR D 97 -18.69 -26.82 -16.55
N GLU D 98 -20.01 -26.67 -16.45
CA GLU D 98 -20.78 -26.14 -17.58
C GLU D 98 -20.63 -24.65 -17.80
N PHE D 99 -19.90 -23.98 -16.90
CA PHE D 99 -19.66 -22.54 -17.02
C PHE D 99 -18.20 -22.27 -17.35
N GLN D 100 -17.34 -23.25 -17.11
CA GLN D 100 -15.91 -23.07 -17.36
C GLN D 100 -15.61 -22.43 -18.73
N ASN D 101 -16.26 -22.92 -19.78
CA ASN D 101 -16.02 -22.36 -21.11
C ASN D 101 -17.21 -21.64 -21.71
N THR D 102 -18.16 -21.19 -20.88
CA THR D 102 -19.33 -20.51 -21.42
C THR D 102 -19.64 -19.16 -20.78
N LEU D 103 -19.14 -18.96 -19.56
CA LEU D 103 -19.39 -17.74 -18.81
C LEU D 103 -19.04 -16.44 -19.53
N LEU D 104 -17.86 -16.39 -20.13
CA LEU D 104 -17.44 -15.17 -20.81
C LEU D 104 -17.53 -15.21 -22.34
N ASN D 105 -17.99 -14.10 -22.91
CA ASN D 105 -18.04 -13.98 -24.37
C ASN D 105 -16.59 -13.67 -24.73
N SER D 106 -16.28 -13.67 -26.02
CA SER D 106 -14.92 -13.41 -26.50
C SER D 106 -14.43 -12.01 -26.15
N ASN D 107 -15.34 -11.03 -26.13
CA ASN D 107 -14.97 -9.65 -25.82
C ASN D 107 -14.81 -9.38 -24.33
N GLY D 108 -14.89 -10.44 -23.52
CA GLY D 108 -14.73 -10.28 -22.08
C GLY D 108 -15.99 -10.05 -21.27
N THR D 109 -17.11 -9.78 -21.93
CA THR D 109 -18.37 -9.52 -21.24
C THR D 109 -19.06 -10.84 -20.81
N ILE D 110 -19.61 -10.87 -19.59
CA ILE D 110 -20.29 -12.06 -19.08
C ILE D 110 -21.48 -12.41 -19.98
N ASN D 111 -21.52 -13.62 -20.49
CA ASN D 111 -22.63 -14.01 -21.37
C ASN D 111 -23.96 -13.92 -20.61
N LYS D 112 -24.91 -13.19 -21.17
CA LYS D 112 -26.21 -13.00 -20.54
C LYS D 112 -26.96 -14.30 -20.24
N THR D 113 -26.89 -15.26 -21.15
CA THR D 113 -27.56 -16.52 -20.96
C THR D 113 -26.86 -17.32 -19.87
N ALA D 114 -25.53 -17.35 -19.91
CA ALA D 114 -24.77 -18.06 -18.90
C ALA D 114 -25.06 -17.49 -17.52
N PHE D 115 -25.16 -16.17 -17.45
CA PHE D 115 -25.46 -15.49 -16.19
C PHE D 115 -26.84 -15.93 -15.66
N GLU D 116 -27.83 -15.98 -16.54
CA GLU D 116 -29.17 -16.39 -16.13
C GLU D 116 -29.12 -17.83 -15.61
N LYS D 117 -28.36 -18.68 -16.30
CA LYS D 117 -28.20 -20.08 -15.92
C LYS D 117 -27.55 -20.23 -14.56
N ALA D 118 -26.57 -19.37 -14.29
CA ALA D 118 -25.86 -19.37 -13.01
C ALA D 118 -26.81 -18.98 -11.89
N LYS D 119 -27.62 -17.96 -12.14
CA LYS D 119 -28.58 -17.52 -11.14
C LYS D 119 -29.57 -18.65 -10.90
N ALA D 120 -30.09 -19.22 -11.98
CA ALA D 120 -31.03 -20.33 -11.84
C ALA D 120 -30.43 -21.40 -10.94
N LYS D 121 -29.15 -21.67 -11.12
CA LYS D 121 -28.44 -22.70 -10.35
C LYS D 121 -28.10 -22.34 -8.91
N PHE D 122 -27.73 -21.08 -8.66
CA PHE D 122 -27.31 -20.67 -7.33
C PHE D 122 -28.10 -19.64 -6.53
N LEU D 123 -28.88 -18.80 -7.21
CA LEU D 123 -29.61 -17.75 -6.50
C LEU D 123 -30.52 -18.27 -5.40
N ASN D 124 -30.38 -17.66 -4.22
CA ASN D 124 -31.15 -18.01 -3.03
C ASN D 124 -31.03 -19.47 -2.63
N LYS D 125 -29.83 -20.02 -2.82
CA LYS D 125 -29.58 -21.40 -2.44
C LYS D 125 -28.34 -21.50 -1.56
N ASP D 126 -28.27 -22.57 -0.77
CA ASP D 126 -27.11 -22.78 0.09
C ASP D 126 -26.01 -23.50 -0.68
N ARG D 127 -24.77 -23.18 -0.34
CA ARG D 127 -23.65 -23.82 -0.98
C ARG D 127 -22.74 -24.31 0.12
N LEU D 128 -22.33 -25.57 0.02
CA LEU D 128 -21.46 -26.16 1.02
C LEU D 128 -20.06 -26.30 0.47
N GLU D 129 -19.06 -25.87 1.23
CA GLU D 129 -17.68 -25.98 0.77
C GLU D 129 -16.92 -26.94 1.67
N TYR D 130 -16.44 -28.04 1.10
CA TYR D 130 -15.71 -29.04 1.88
C TYR D 130 -14.32 -28.56 2.28
N GLY D 131 -13.73 -27.71 1.46
CA GLY D 131 -12.41 -27.21 1.78
C GLY D 131 -12.49 -25.98 2.66
N TYR D 132 -11.33 -25.41 2.97
CA TYR D 132 -11.27 -24.19 3.76
C TYR D 132 -11.54 -23.12 2.72
N ILE D 133 -11.91 -21.93 3.16
CA ILE D 133 -12.18 -20.87 2.20
C ILE D 133 -11.24 -19.69 2.46
N SER D 134 -10.41 -19.38 1.47
CA SER D 134 -9.50 -18.27 1.59
C SER D 134 -10.21 -17.02 1.09
N THR D 135 -10.29 -16.00 1.94
CA THR D 135 -10.94 -14.75 1.57
C THR D 135 -9.96 -13.63 1.90
N SER D 136 -10.37 -12.39 1.66
CA SER D 136 -9.55 -11.22 1.96
C SER D 136 -10.45 -10.13 2.51
N LEU D 137 -9.90 -9.27 3.36
CA LEU D 137 -10.69 -8.19 3.94
C LEU D 137 -11.08 -7.19 2.88
N MET D 138 -10.38 -7.22 1.75
CA MET D 138 -10.68 -6.31 0.66
C MET D 138 -10.61 -7.05 -0.69
N ASN D 139 -11.15 -6.41 -1.71
CA ASN D 139 -11.13 -6.97 -3.05
C ASN D 139 -9.78 -6.58 -3.62
N VAL D 140 -8.74 -7.24 -3.11
CA VAL D 140 -7.36 -6.99 -3.50
C VAL D 140 -7.00 -7.35 -4.93
N SER D 141 -5.89 -6.80 -5.40
CA SER D 141 -5.40 -7.04 -6.76
C SER D 141 -5.34 -8.51 -7.10
N GLN D 142 -5.00 -9.34 -6.11
CA GLN D 142 -4.91 -10.78 -6.32
C GLN D 142 -6.08 -11.30 -7.15
N PHE D 143 -7.31 -11.00 -6.75
CA PHE D 143 -8.46 -11.50 -7.49
C PHE D 143 -9.45 -10.49 -8.08
N ALA D 144 -9.16 -9.20 -7.92
CA ALA D 144 -10.08 -8.18 -8.45
C ALA D 144 -10.28 -8.28 -9.96
N GLY D 145 -9.39 -9.02 -10.62
CA GLY D 145 -9.51 -9.16 -12.07
C GLY D 145 -10.28 -10.39 -12.51
N ARG D 146 -10.72 -11.20 -11.56
CA ARG D 146 -11.47 -12.42 -11.88
C ARG D 146 -12.91 -12.10 -12.23
N PRO D 147 -13.55 -12.97 -13.02
CA PRO D 147 -14.95 -12.79 -13.46
C PRO D 147 -16.05 -12.88 -12.40
N ILE D 148 -15.75 -13.51 -11.28
CA ILE D 148 -16.75 -13.63 -10.22
C ILE D 148 -16.21 -13.09 -8.91
N ILE D 149 -16.91 -12.11 -8.37
CA ILE D 149 -16.54 -11.50 -7.09
C ILE D 149 -17.60 -11.79 -6.04
N THR D 150 -17.21 -12.51 -5.00
CA THR D 150 -18.16 -12.87 -3.95
C THR D 150 -17.90 -12.08 -2.68
N LYS D 151 -18.97 -11.51 -2.14
CA LYS D 151 -18.93 -10.73 -0.92
C LYS D 151 -19.56 -11.61 0.17
N PHE D 152 -18.75 -12.04 1.13
CA PHE D 152 -19.25 -12.88 2.21
C PHE D 152 -19.60 -12.07 3.44
N LYS D 153 -20.82 -12.25 3.95
CA LYS D 153 -21.26 -11.56 5.15
C LYS D 153 -21.08 -12.52 6.31
N VAL D 154 -20.05 -12.28 7.11
CA VAL D 154 -19.71 -13.12 8.25
C VAL D 154 -20.13 -12.47 9.55
N ALA D 155 -20.98 -13.16 10.30
CA ALA D 155 -21.50 -12.67 11.57
C ALA D 155 -20.49 -12.66 12.71
N LYS D 156 -20.66 -11.70 13.62
CA LYS D 156 -19.82 -11.55 14.79
C LYS D 156 -19.74 -12.88 15.54
N GLY D 157 -18.54 -13.25 15.96
CA GLY D 157 -18.39 -14.51 16.69
C GLY D 157 -18.06 -15.69 15.81
N SER D 158 -18.25 -15.56 14.50
CA SER D 158 -17.97 -16.65 13.58
C SER D 158 -16.47 -16.90 13.50
N LYS D 159 -16.10 -18.11 13.13
CA LYS D 159 -14.71 -18.46 12.98
C LYS D 159 -14.16 -17.77 11.72
N ALA D 160 -13.07 -17.05 11.88
CA ALA D 160 -12.41 -16.35 10.78
C ALA D 160 -11.08 -15.84 11.33
N GLY D 161 -9.99 -16.16 10.64
CA GLY D 161 -8.69 -15.73 11.11
C GLY D 161 -7.86 -14.91 10.13
N TYR D 162 -7.26 -13.85 10.66
CA TYR D 162 -6.39 -12.96 9.90
C TYR D 162 -5.03 -13.65 9.98
N ILE D 163 -4.58 -14.27 8.89
CA ILE D 163 -3.33 -15.03 8.93
C ILE D 163 -2.04 -14.44 8.37
N ASP D 164 -2.07 -13.20 7.88
CA ASP D 164 -0.84 -12.60 7.35
C ASP D 164 0.30 -12.62 8.37
N PRO D 165 0.02 -12.28 9.63
CA PRO D 165 1.06 -12.27 10.67
C PRO D 165 1.64 -13.64 10.92
N ILE D 166 0.93 -14.68 10.48
CA ILE D 166 1.36 -16.05 10.69
C ILE D 166 2.25 -16.57 9.56
N SER D 167 1.94 -16.17 8.32
CA SER D 167 2.71 -16.65 7.19
C SER D 167 2.89 -15.63 6.08
N ALA D 168 4.14 -15.45 5.67
CA ALA D 168 4.47 -14.52 4.60
C ALA D 168 3.95 -15.06 3.27
N PHE D 169 3.59 -16.34 3.25
CA PHE D 169 3.06 -16.96 2.04
C PHE D 169 1.55 -16.68 1.90
N ALA D 170 0.97 -16.06 2.93
CA ALA D 170 -0.45 -15.75 2.93
C ALA D 170 -0.77 -14.62 1.97
N GLY D 171 -2.02 -14.58 1.50
CA GLY D 171 -2.44 -13.55 0.57
C GLY D 171 -2.62 -12.22 1.27
N GLN D 172 -2.75 -11.15 0.49
CA GLN D 172 -2.93 -9.81 1.02
C GLN D 172 -4.21 -9.71 1.85
N LEU D 173 -4.07 -9.36 3.14
CA LEU D 173 -5.22 -9.24 4.04
C LEU D 173 -6.05 -10.52 4.05
N GLU D 174 -5.41 -11.68 3.91
CA GLU D 174 -6.11 -12.94 3.88
C GLU D 174 -6.81 -13.32 5.18
N MET D 175 -8.08 -13.68 5.04
CA MET D 175 -8.91 -14.13 6.17
C MET D 175 -9.32 -15.56 5.82
N LEU D 176 -8.94 -16.50 6.66
CA LEU D 176 -9.25 -17.90 6.41
C LEU D 176 -10.51 -18.32 7.14
N LEU D 177 -11.35 -19.12 6.47
CA LEU D 177 -12.58 -19.62 7.06
C LEU D 177 -12.46 -21.14 7.17
N PRO D 178 -13.09 -21.74 8.19
CA PRO D 178 -13.02 -23.18 8.41
C PRO D 178 -13.64 -24.01 7.29
N ARG D 179 -13.23 -25.28 7.19
CA ARG D 179 -13.76 -26.16 6.16
C ARG D 179 -15.20 -26.54 6.52
N HIS D 180 -15.92 -27.07 5.54
CA HIS D 180 -17.31 -27.46 5.72
C HIS D 180 -18.21 -26.30 6.09
N SER D 181 -17.92 -25.13 5.54
CA SER D 181 -18.77 -23.97 5.82
C SER D 181 -19.86 -23.94 4.79
N THR D 182 -21.03 -23.48 5.18
CA THR D 182 -22.14 -23.36 4.25
C THR D 182 -22.51 -21.90 4.17
N TYR D 183 -22.73 -21.41 2.96
CA TYR D 183 -23.11 -20.01 2.78
C TYR D 183 -24.30 -19.93 1.84
N HIS D 184 -25.17 -18.96 2.09
CA HIS D 184 -26.38 -18.78 1.30
C HIS D 184 -26.17 -17.64 0.31
N ILE D 185 -26.44 -17.90 -0.96
CA ILE D 185 -26.28 -16.88 -2.00
C ILE D 185 -27.51 -15.99 -1.98
N ASP D 186 -27.34 -14.76 -1.50
CA ASP D 186 -28.44 -13.80 -1.39
C ASP D 186 -28.74 -13.01 -2.64
N ASP D 187 -27.69 -12.66 -3.36
CA ASP D 187 -27.86 -11.86 -4.56
C ASP D 187 -26.78 -12.16 -5.59
N MET D 188 -27.16 -12.04 -6.85
CA MET D 188 -26.27 -12.26 -7.98
C MET D 188 -26.60 -11.22 -9.05
N ARG D 189 -25.61 -10.41 -9.40
CA ARG D 189 -25.81 -9.33 -10.40
C ARG D 189 -24.52 -8.88 -11.10
N LEU D 190 -24.69 -8.51 -12.35
CA LEU D 190 -23.56 -8.10 -13.19
C LEU D 190 -22.97 -6.78 -12.68
N SER D 191 -21.68 -6.58 -12.95
CA SER D 191 -21.02 -5.34 -12.50
C SER D 191 -21.52 -4.19 -13.40
N SER D 192 -21.05 -2.97 -13.10
CA SER D 192 -21.42 -1.78 -13.90
C SER D 192 -21.21 -2.15 -15.35
N ASP D 193 -19.98 -2.55 -15.67
CA ASP D 193 -19.69 -3.04 -17.00
C ASP D 193 -20.12 -4.47 -16.94
N GLY D 194 -20.60 -5.08 -17.99
CA GLY D 194 -21.06 -6.45 -17.87
C GLY D 194 -19.95 -7.48 -17.83
N LYS D 195 -18.80 -7.13 -17.24
CA LYS D 195 -17.67 -8.06 -17.21
C LYS D 195 -17.49 -8.93 -15.97
N GLN D 196 -18.29 -8.71 -14.94
CA GLN D 196 -18.18 -9.50 -13.73
C GLN D 196 -19.54 -9.83 -13.13
N ILE D 197 -19.59 -10.94 -12.40
CA ILE D 197 -20.79 -11.31 -11.69
C ILE D 197 -20.43 -10.98 -10.26
N ILE D 198 -21.23 -10.15 -9.62
CA ILE D 198 -21.00 -9.84 -8.21
C ILE D 198 -21.97 -10.65 -7.40
N ILE D 199 -21.43 -11.47 -6.51
CA ILE D 199 -22.26 -12.30 -5.67
C ILE D 199 -22.20 -11.82 -4.23
N THR D 200 -23.36 -11.79 -3.60
CA THR D 200 -23.45 -11.44 -2.20
C THR D 200 -23.99 -12.66 -1.45
N ALA D 201 -23.23 -13.13 -0.49
CA ALA D 201 -23.59 -14.33 0.25
C ALA D 201 -23.47 -14.12 1.76
N THR D 202 -24.27 -14.88 2.50
CA THR D 202 -24.25 -14.81 3.96
C THR D 202 -23.72 -16.14 4.48
N MET D 203 -22.61 -16.07 5.22
CA MET D 203 -21.99 -17.26 5.79
C MET D 203 -22.88 -17.78 6.91
N MET D 204 -23.12 -19.09 6.92
CA MET D 204 -23.97 -19.68 7.95
C MET D 204 -23.21 -20.57 8.92
N GLY D 205 -21.88 -20.55 8.85
CA GLY D 205 -21.09 -21.37 9.75
C GLY D 205 -20.90 -22.80 9.30
N THR D 206 -20.36 -23.63 10.20
CA THR D 206 -20.09 -25.04 9.91
C THR D 206 -21.32 -25.93 10.11
PA NAD E . -10.40 20.48 -3.39
O1A NAD E . -11.20 20.23 -2.22
O2A NAD E . -11.04 21.74 -4.03
O5B NAD E . -8.93 20.22 -3.02
C5B NAD E . -7.98 20.32 -4.13
C4B NAD E . -6.51 20.11 -3.57
O4B NAD E . -6.26 21.24 -2.76
C3B NAD E . -6.28 18.95 -2.66
O3B NAD E . -4.96 18.34 -2.69
C2B NAD E . -6.67 19.44 -1.27
O2B NAD E . -6.08 18.58 -0.26
C1B NAD E . -6.22 20.85 -1.39
N9A NAD E . -6.86 21.82 -0.50
C8A NAD E . -8.10 21.65 0.09
N7A NAD E . -8.43 22.75 0.78
C5A NAD E . -7.36 23.56 0.69
C6A NAD E . -7.24 24.85 1.26
N6A NAD E . -8.30 25.25 2.05
N1A NAD E . -6.14 25.52 0.97
C2A NAD E . -5.22 24.86 0.14
N3A NAD E . -5.22 23.64 -0.45
C4A NAD E . -6.41 23.07 -0.13
O3 NAD E . -10.52 19.15 -4.40
PN NAD E . -10.62 17.68 -4.07
O1N NAD E . -11.62 17.17 -3.21
O2N NAD E . -9.38 16.91 -3.92
O5D NAD E . -11.06 16.87 -5.38
C5D NAD E . -12.44 16.70 -5.69
C4D NAD E . -12.52 15.66 -6.86
O4D NAD E . -12.78 14.40 -6.13
C3D NAD E . -13.89 15.93 -7.53
O3D NAD E . -14.09 15.03 -8.61
C2D NAD E . -14.76 15.50 -6.35
O2D NAD E . -16.02 14.92 -6.72
C1D NAD E . -13.93 14.54 -5.53
N1N NAD E . -14.17 14.01 -4.21
C2N NAD E . -13.11 14.17 -3.31
C3N NAD E . -13.26 13.73 -2.03
C7N NAD E . -12.11 13.75 -0.93
O7N NAD E . -12.13 12.89 -0.07
N7N NAD E . -11.14 14.68 -1.17
C4N NAD E . -14.44 13.12 -1.64
C5N NAD E . -15.48 12.94 -2.57
C6N NAD E . -15.40 13.46 -3.85
S SO4 F . -21.11 4.77 -8.28
O1 SO4 F . -20.63 6.32 -8.26
O2 SO4 F . -19.89 3.83 -7.84
O3 SO4 F . -21.61 4.36 -9.75
O4 SO4 F . -22.33 4.58 -7.23
PA NAD G . 18.93 -9.94 20.64
O1A NAD G . 19.21 -8.73 19.83
O2A NAD G . 17.90 -9.42 21.53
O5B NAD G . 18.61 -11.25 19.84
C5B NAD G . 17.98 -12.49 20.24
C4B NAD G . 16.95 -12.89 19.15
O4B NAD G . 15.98 -11.82 18.92
C3B NAD G . 17.65 -13.12 17.80
O3B NAD G . 17.06 -14.27 17.20
C2B NAD G . 17.30 -11.91 16.97
O2B NAD G . 17.43 -12.16 15.58
C1B NAD G . 15.92 -11.52 17.54
N9A NAD G . 15.48 -10.15 17.30
C8A NAD G . 16.28 -9.07 17.18
N7A NAD G . 15.65 -7.96 16.90
C5A NAD G . 14.34 -8.35 16.81
C6A NAD G . 13.18 -7.58 16.55
N6A NAD G . 13.29 -6.25 16.32
N1A NAD G . 12.03 -8.26 16.59
C2A NAD G . 12.01 -9.62 16.78
N3A NAD G . 13.05 -10.43 16.98
C4A NAD G . 14.21 -9.70 17.01
O3 NAD G . 20.23 -10.54 21.36
PN NAD G . 21.62 -10.93 20.62
O1N NAD G . 21.82 -9.87 19.60
O2N NAD G . 21.50 -12.22 19.91
O5D NAD G . 22.52 -10.95 21.91
C5D NAD G . 22.28 -12.08 22.78
C4D NAD G . 23.58 -12.76 23.10
O4D NAD G . 24.44 -12.66 21.90
C3D NAD G . 24.38 -12.08 24.21
O3D NAD G . 24.92 -13.06 25.08
C2D NAD G . 25.48 -11.28 23.48
O2D NAD G . 26.76 -11.87 23.73
C1D NAD G . 25.09 -11.41 22.06
N1N NAD G . 25.64 -10.84 20.87
C2N NAD G . 24.94 -11.15 19.73
C3N NAD G . 25.33 -10.68 18.50
C7N NAD G . 24.54 -11.04 17.23
O7N NAD G . 24.98 -11.36 16.14
N7N NAD G . 23.21 -11.03 17.35
C4N NAD G . 26.45 -9.84 18.35
C5N NAD G . 27.11 -9.60 19.55
C6N NAD G . 26.80 -10.04 20.83
S SO4 H . 43.38 -4.03 5.52
O1 SO4 H . 42.78 -2.84 4.61
O2 SO4 H . 43.53 -5.36 4.61
O3 SO4 H . 42.39 -4.35 6.75
O4 SO4 H . 44.84 -3.61 6.09
N1 NIR I . 8.61 5.65 -23.76
C4 NIR I . 6.84 5.62 -26.13
C5 NIR I . 7.24 4.50 -25.43
C6 NIR I . 8.47 4.52 -24.50
O6 NIR I . 9.27 3.62 -24.45
C8 NIR I . 5.00 4.43 -27.13
N9 NIR I . 5.76 5.59 -26.97
C1' NIR I . 5.57 6.84 -27.63
C2' NIR I . 4.88 7.37 -28.79
O2' NIR I . 5.17 6.71 -30.01
C3' NIR I . 5.19 8.88 -28.76
C4N NIR I . 6.52 3.30 -25.54
O3' NIR I . 6.26 9.18 -29.67
C4' NIR I . 5.78 9.12 -27.37
C5N NIR I . 5.41 3.39 -26.39
O4' NIR I . 6.33 7.82 -27.02
C5' NIR I . 4.96 9.63 -26.23
PB ADP J . 8.04 9.73 -24.43
O1B ADP J . 7.18 8.57 -24.74
O2B ADP J . 9.31 9.32 -23.80
O3B ADP J . 8.38 10.28 -25.72
PA ADP J . 6.88 11.01 -21.91
O1A ADP J . 6.50 9.92 -20.97
O2A ADP J . 5.84 12.03 -21.72
O3A ADP J . 7.21 10.67 -23.45
O5' ADP J . 8.34 11.54 -21.51
C5' ADP J . 8.93 12.60 -22.35
C4' ADP J . 10.32 12.79 -21.74
O4' ADP J . 10.04 13.04 -20.33
C3' ADP J . 11.14 11.49 -21.81
O3' ADP J . 12.51 11.66 -22.14
C2' ADP J . 10.92 10.82 -20.48
O2' ADP J . 11.97 9.97 -20.08
C1' ADP J . 10.63 12.01 -19.55
N9 ADP J . 9.70 11.74 -18.44
C8 ADP J . 8.78 10.73 -18.31
N7 ADP J . 8.10 10.80 -17.17
C5 ADP J . 8.62 11.90 -16.53
C6 ADP J . 8.34 12.48 -15.28
N6 ADP J . 7.40 11.98 -14.47
N1 ADP J . 9.04 13.57 -14.94
C2 ADP J . 9.99 14.05 -15.81
N3 ADP J . 10.34 13.60 -16.99
C4 ADP J . 9.61 12.50 -17.30
PB ADP K . -7.48 -19.38 -4.98
O1B ADP K . -6.08 -18.73 -5.29
O2B ADP K . -7.97 -18.51 -3.95
O3B ADP K . -7.96 -18.93 -6.32
PA ADP K . -8.44 -21.91 -4.53
O1A ADP K . -9.53 -21.16 -3.91
O2A ADP K . -7.74 -23.05 -4.10
O3A ADP K . -7.33 -20.82 -4.87
O5' ADP K . -9.21 -21.78 -6.00
C5' ADP K . -8.52 -22.55 -7.04
C4' ADP K . -9.24 -22.28 -8.40
O4' ADP K . -10.39 -23.04 -8.42
C3' ADP K . -9.79 -20.94 -8.57
O3' ADP K . -9.78 -20.36 -9.87
C2' ADP K . -11.20 -20.94 -7.96
O2' ADP K . -11.93 -19.85 -8.53
C1' ADP K . -11.54 -22.21 -8.34
N9 ADP K . -12.53 -22.87 -7.48
C8 ADP K . -12.80 -22.54 -6.19
N7 ADP K . -13.72 -23.39 -5.71
C5 ADP K . -14.08 -24.16 -6.74
C6 ADP K . -15.04 -25.21 -6.72
N6 ADP K . -15.69 -25.41 -5.54
N1 ADP K . -15.16 -25.90 -7.83
C2 ADP K . -14.34 -25.51 -8.92
N3 ADP K . -13.45 -24.52 -9.02
C4 ADP K . -13.33 -23.93 -7.82
#